data_8BAN
#
_entry.id   8BAN
#
_cell.length_a   71.659
_cell.length_b   121.068
_cell.length_c   126.374
_cell.angle_alpha   90.00
_cell.angle_beta   90.00
_cell.angle_gamma   90.00
#
_symmetry.space_group_name_H-M   'P 21 21 21'
#
loop_
_entity.id
_entity.type
_entity.pdbx_description
1 polymer 'Green fluorescent protein,Synaptosomal-associated protein 25'
2 polymer Secretagogin
3 non-polymer 'CALCIUM ION'
4 water water
#
loop_
_entity_poly.entity_id
_entity_poly.type
_entity_poly.pdbx_seq_one_letter_code
_entity_poly.pdbx_strand_id
1 'polypeptide(L)'
;SMASKGEELFTGVVPILVELDGDVNGHKFSVSGEGEGDATYGKLTLKFICTTGKLPVPWPTLVTTL(CRO)VQCFSRYPD
HMKRHDFFKSAMPEGYVQERTIFFKDDGNYKTRAEVKFEGDTLVNRIELKGIDFKEDGNILGHKLEYNYNSHNVYIMADK
QKNGIKVNFKTRHNIEDGSVQLADHYQQNTPIGDGPVLLPDNHYLSTQSALSKDPNEKRDHMVLLEFVTAAGTMAGIIGN
LRHMALDMGNEIDTQNRQID
;
A,B
2 'polypeptide(L)'
;MDNARRKTPARLDAACFWQIWQRFDKEEKGYIRETELDAFFDHLLAKSGTEDTLMEENVQKVKEQLMTSHNVSKEGRILM
KELASMFLSEDENFLLFFRLETPLDNSVEFMQIWRKYDADSSGFISAAELCNFLRDLFLHHKKNISEAELEEYTSTMMKI
FDKNKDGRLDLNDLARILALQENFLLQFKMDASSTEERKRDFEKIFAHYDVSKTGALEGPEVDGFVKDMMELVQPSISGV
DLDKFREILLRHCDVNKDGKIQKSELALCLGLKINP
;
C,D
#
loop_
_chem_comp.id
_chem_comp.type
_chem_comp.name
_chem_comp.formula
CA non-polymer 'CALCIUM ION' 'Ca 2'
#
# COMPACT_ATOMS: atom_id res chain seq x y z
N SER A 4 9.29 17.98 -9.01
CA SER A 4 10.65 18.60 -9.17
C SER A 4 11.19 18.43 -10.59
N LYS A 5 12.19 19.22 -10.95
CA LYS A 5 12.75 19.17 -12.32
C LYS A 5 13.63 17.94 -12.51
N GLY A 6 14.16 17.40 -11.42
CA GLY A 6 14.90 16.16 -11.48
C GLY A 6 14.09 14.99 -12.04
N GLU A 7 12.81 14.92 -11.69
CA GLU A 7 11.96 13.84 -12.15
C GLU A 7 12.07 13.74 -13.64
N GLU A 8 12.13 14.88 -14.32
CA GLU A 8 12.07 14.85 -15.76
C GLU A 8 13.23 14.06 -16.35
N LEU A 9 14.38 14.07 -15.68
CA LEU A 9 15.54 13.36 -16.14
C LEU A 9 15.41 11.85 -16.08
N PHE A 10 14.39 11.33 -15.43
CA PHE A 10 14.22 9.90 -15.29
C PHE A 10 13.03 9.35 -16.04
N THR A 11 12.58 10.10 -17.01
CA THR A 11 11.36 9.78 -17.72
C THR A 11 11.47 8.55 -18.68
N GLY A 12 12.63 8.33 -19.30
CA GLY A 12 12.78 7.18 -20.18
C GLY A 12 13.81 6.22 -19.63
N VAL A 13 14.51 5.52 -20.52
CA VAL A 13 15.57 4.62 -20.10
C VAL A 13 16.84 5.44 -20.00
N VAL A 14 17.57 5.31 -18.90
CA VAL A 14 18.76 6.14 -18.63
C VAL A 14 20.05 5.33 -18.44
N PRO A 15 21.17 5.66 -19.15
CA PRO A 15 22.33 4.77 -18.97
C PRO A 15 22.98 5.00 -17.66
N ILE A 16 23.66 3.98 -17.14
CA ILE A 16 24.30 4.03 -15.84
C ILE A 16 25.74 3.60 -15.92
N LEU A 17 26.63 4.25 -15.16
CA LEU A 17 27.99 3.75 -14.93
C LEU A 17 28.25 3.69 -13.46
N VAL A 18 29.02 2.67 -13.09
CA VAL A 18 29.41 2.53 -11.70
C VAL A 18 30.91 2.27 -11.57
N GLU A 19 31.56 2.93 -10.60
CA GLU A 19 32.99 2.67 -10.35
C GLU A 19 33.23 2.54 -8.88
N LEU A 20 33.86 1.44 -8.46
CA LEU A 20 34.17 1.26 -7.09
C LEU A 20 35.65 0.92 -6.92
N ASP A 21 36.29 1.53 -5.92
CA ASP A 21 37.63 1.19 -5.49
C ASP A 21 37.53 0.75 -4.09
N GLY A 22 38.03 -0.42 -3.79
CA GLY A 22 37.90 -0.94 -2.44
C GLY A 22 39.16 -1.53 -1.86
N ASP A 23 39.07 -1.73 -0.57
CA ASP A 23 40.14 -2.25 0.21
C ASP A 23 39.50 -2.86 1.41
N VAL A 24 39.60 -4.17 1.52
CA VAL A 24 39.01 -4.85 2.67
C VAL A 24 40.13 -5.64 3.33
N ASN A 25 40.39 -5.34 4.60
CA ASN A 25 41.54 -5.92 5.33
C ASN A 25 42.85 -5.91 4.51
N GLY A 26 43.07 -4.85 3.75
CA GLY A 26 44.25 -4.75 2.95
C GLY A 26 44.16 -5.31 1.55
N HIS A 27 43.12 -6.09 1.24
CA HIS A 27 42.98 -6.58 -0.13
C HIS A 27 42.35 -5.54 -1.02
N LYS A 28 43.04 -5.21 -2.11
CA LYS A 28 42.55 -4.17 -3.00
C LYS A 28 41.86 -4.72 -4.21
N PHE A 29 40.85 -4.00 -4.67
CA PHE A 29 40.12 -4.41 -5.86
C PHE A 29 39.39 -3.23 -6.44
N SER A 30 38.99 -3.35 -7.68
CA SER A 30 38.23 -2.32 -8.32
C SER A 30 37.12 -3.00 -9.08
N VAL A 31 35.94 -2.36 -9.14
CA VAL A 31 34.79 -2.96 -9.79
C VAL A 31 34.26 -1.92 -10.74
N SER A 32 33.88 -2.34 -11.94
CA SER A 32 33.14 -1.46 -12.85
C SER A 32 31.77 -2.00 -13.15
N GLY A 33 30.83 -1.13 -13.42
CA GLY A 33 29.53 -1.57 -13.86
C GLY A 33 28.88 -0.64 -14.86
N GLU A 34 28.00 -1.18 -15.69
CA GLU A 34 27.25 -0.38 -16.64
C GLU A 34 25.91 -1.01 -16.84
N GLY A 35 24.94 -0.23 -17.31
CA GLY A 35 23.62 -0.75 -17.50
C GLY A 35 22.67 0.40 -17.68
N GLU A 36 21.45 0.25 -17.18
CA GLU A 36 20.45 1.26 -17.38
C GLU A 36 19.33 1.17 -16.36
N GLY A 37 18.66 2.27 -16.15
CA GLY A 37 17.64 2.35 -15.12
C GLY A 37 16.38 2.83 -15.80
N ASP A 38 15.24 2.47 -15.23
CA ASP A 38 13.95 2.78 -15.83
C ASP A 38 12.96 3.04 -14.70
N ALA A 39 13.11 4.24 -14.11
CA ALA A 39 12.37 4.63 -12.93
C ALA A 39 10.86 4.56 -13.05
N THR A 40 10.37 4.83 -14.25
CA THR A 40 8.96 4.72 -14.49
C THR A 40 8.45 3.33 -14.13
N TYR A 41 9.26 2.29 -14.30
CA TYR A 41 8.89 0.93 -13.95
C TYR A 41 9.68 0.38 -12.74
N GLY A 42 10.39 1.26 -12.02
CA GLY A 42 11.17 0.87 -10.89
C GLY A 42 12.25 -0.14 -11.21
N LYS A 43 12.79 -0.15 -12.44
CA LYS A 43 13.65 -1.23 -12.84
C LYS A 43 15.08 -0.88 -13.10
N LEU A 44 15.97 -1.77 -12.69
CA LEU A 44 17.38 -1.59 -12.86
C LEU A 44 17.99 -2.80 -13.46
N THR A 45 18.94 -2.62 -14.36
CA THR A 45 19.64 -3.71 -15.02
C THR A 45 21.12 -3.36 -15.08
N LEU A 46 21.98 -4.11 -14.38
CA LEU A 46 23.39 -3.83 -14.37
C LEU A 46 24.30 -5.03 -14.42
N LYS A 47 25.52 -4.81 -14.88
CA LYS A 47 26.54 -5.84 -14.91
C LYS A 47 27.78 -5.25 -14.31
N PHE A 48 28.38 -5.97 -13.37
CA PHE A 48 29.58 -5.52 -12.69
C PHE A 48 30.75 -6.46 -12.90
N ILE A 49 31.94 -5.92 -13.01
CA ILE A 49 33.11 -6.69 -13.26
C ILE A 49 34.22 -6.30 -12.29
N CYS A 50 34.93 -7.28 -11.77
CA CYS A 50 36.11 -6.98 -11.00
C CYS A 50 37.27 -6.84 -12.00
N THR A 51 37.72 -5.62 -12.21
CA THR A 51 38.82 -5.38 -13.14
C THR A 51 40.18 -5.77 -12.63
N THR A 52 40.31 -6.22 -11.40
CA THR A 52 41.63 -6.50 -10.84
C THR A 52 41.88 -7.96 -10.56
N GLY A 53 40.97 -8.83 -10.97
CA GLY A 53 41.12 -10.27 -10.82
C GLY A 53 39.95 -10.91 -10.11
N LYS A 54 40.27 -11.72 -9.12
CA LYS A 54 39.29 -12.36 -8.28
C LYS A 54 38.77 -11.37 -7.22
N LEU A 55 37.45 -11.36 -6.99
CA LEU A 55 36.86 -10.44 -6.01
C LEU A 55 37.13 -11.01 -4.65
N PRO A 56 37.78 -10.21 -3.77
CA PRO A 56 38.16 -10.84 -2.52
C PRO A 56 37.04 -10.97 -1.53
N VAL A 57 35.86 -10.45 -1.84
CA VAL A 57 34.68 -10.65 -1.04
C VAL A 57 33.59 -11.17 -1.91
N PRO A 58 32.49 -11.71 -1.32
CA PRO A 58 31.41 -12.17 -2.18
C PRO A 58 30.63 -11.03 -2.79
N TRP A 59 30.19 -11.22 -4.03
CA TRP A 59 29.40 -10.22 -4.75
C TRP A 59 28.17 -9.73 -3.97
N PRO A 60 27.49 -10.61 -3.25
CA PRO A 60 26.33 -10.13 -2.50
C PRO A 60 26.62 -9.09 -1.46
N THR A 61 27.83 -9.05 -0.91
CA THR A 61 28.12 -8.05 0.08
C THR A 61 28.25 -6.70 -0.55
N LEU A 62 28.36 -6.61 -1.87
CA LEU A 62 28.49 -5.32 -2.53
C LEU A 62 27.26 -4.76 -3.18
N VAL A 63 26.16 -5.51 -3.21
CA VAL A 63 24.98 -5.10 -3.97
C VAL A 63 24.48 -3.71 -3.59
N THR A 64 24.29 -3.51 -2.29
CA THR A 64 23.78 -2.25 -1.82
C THR A 64 24.76 -1.11 -2.09
N THR A 65 26.06 -1.37 -2.03
CA THR A 65 27.01 -0.30 -2.21
C THR A 65 27.02 0.12 -3.65
N LEU A 66 27.01 -0.86 -4.54
CA LEU A 66 26.97 -0.61 -5.95
C LEU A 66 25.60 -0.14 -6.33
N1 CRO A 67 24.57 -0.76 -5.91
CA1 CRO A 67 23.27 -0.38 -6.31
CB1 CRO A 67 22.46 -1.58 -6.76
CG1 CRO A 67 21.11 -1.29 -7.39
OG1 CRO A 67 23.15 -2.24 -7.76
C1 CRO A 67 22.60 0.16 -5.10
N2 CRO A 67 21.72 -0.49 -4.23
N3 CRO A 67 22.84 1.41 -4.69
C2 CRO A 67 22.10 1.62 -3.58
O2 CRO A 67 22.03 2.72 -2.93
CA2 CRO A 67 21.39 0.40 -3.28
CA3 CRO A 67 23.66 2.45 -5.36
C3 CRO A 67 22.96 3.78 -5.47
O3 CRO A 67 23.79 4.70 -5.17
CB2 CRO A 67 20.47 0.10 -2.16
CG2 CRO A 67 19.89 -1.22 -1.94
CD1 CRO A 67 19.99 -2.18 -2.91
CD2 CRO A 67 19.29 -1.58 -0.70
CE1 CRO A 67 19.46 -3.45 -2.73
CE2 CRO A 67 18.75 -2.82 -0.46
CZ CRO A 67 18.85 -3.76 -1.47
OH CRO A 67 18.34 -4.97 -1.19
N VAL A 68 22.15 4.50 -6.17
CA VAL A 68 21.32 4.79 -7.36
C VAL A 68 19.84 4.65 -7.11
N GLN A 69 19.51 4.82 -5.84
CA GLN A 69 18.15 4.76 -5.41
C GLN A 69 17.27 5.80 -6.07
N CYS A 70 17.86 6.61 -6.96
CA CYS A 70 17.13 7.51 -7.78
C CYS A 70 16.31 6.81 -8.82
N PHE A 71 16.48 5.50 -8.95
CA PHE A 71 15.73 4.77 -9.93
C PHE A 71 14.55 4.02 -9.34
N SER A 72 14.22 4.32 -8.09
CA SER A 72 13.07 3.80 -7.47
C SER A 72 11.80 4.38 -8.09
N ARG A 73 10.73 3.61 -8.13
CA ARG A 73 9.49 4.12 -8.61
C ARG A 73 8.70 4.71 -7.47
N TYR A 74 8.43 6.01 -7.53
CA TYR A 74 7.57 6.64 -6.56
C TYR A 74 6.23 6.79 -7.23
N PRO A 75 5.20 6.15 -6.68
CA PRO A 75 3.84 6.34 -7.20
C PRO A 75 3.45 7.79 -7.26
N ASP A 76 2.50 8.09 -8.10
CA ASP A 76 2.11 9.48 -8.35
C ASP A 76 1.74 10.19 -7.07
N HIS A 77 1.06 9.51 -6.17
CA HIS A 77 0.72 10.15 -4.90
C HIS A 77 1.84 10.32 -3.89
N MET A 78 3.06 9.98 -4.27
CA MET A 78 4.20 10.08 -3.39
C MET A 78 5.31 10.87 -4.04
N LYS A 79 5.09 11.53 -5.15
CA LYS A 79 6.18 12.28 -5.80
C LYS A 79 6.83 13.34 -4.97
N ARG A 80 6.15 13.85 -3.94
CA ARG A 80 6.78 14.88 -3.12
C ARG A 80 7.78 14.32 -2.15
N HIS A 81 7.93 13.01 -2.11
CA HIS A 81 8.82 12.44 -1.11
C HIS A 81 10.12 11.90 -1.71
N ASP A 82 10.32 12.11 -3.00
CA ASP A 82 11.45 11.51 -3.72
C ASP A 82 12.59 12.51 -3.68
N PHE A 83 13.44 12.37 -2.67
CA PHE A 83 14.67 13.15 -2.51
C PHE A 83 15.68 12.87 -3.62
N PHE A 84 15.87 11.61 -3.97
CA PHE A 84 16.95 11.19 -4.85
C PHE A 84 16.87 11.90 -6.21
N LYS A 85 15.71 11.90 -6.83
CA LYS A 85 15.58 12.56 -8.09
C LYS A 85 15.62 14.08 -7.99
N SER A 86 15.19 14.63 -6.85
CA SER A 86 15.10 16.07 -6.74
C SER A 86 16.44 16.73 -6.71
N ALA A 87 17.48 15.99 -6.34
CA ALA A 87 18.83 16.49 -6.27
C ALA A 87 19.58 16.37 -7.62
N MET A 88 18.89 15.95 -8.66
CA MET A 88 19.52 15.79 -9.93
C MET A 88 19.24 17.07 -10.71
N PRO A 89 20.17 17.46 -11.59
CA PRO A 89 21.33 16.66 -11.97
C PRO A 89 22.59 16.78 -11.12
N GLU A 90 22.68 17.78 -10.26
CA GLU A 90 23.95 17.96 -9.56
C GLU A 90 24.30 16.76 -8.70
N GLY A 91 23.31 16.07 -8.17
CA GLY A 91 23.55 14.79 -7.52
C GLY A 91 23.57 14.84 -6.01
N TYR A 92 23.97 13.75 -5.39
CA TYR A 92 24.09 13.66 -3.94
C TYR A 92 25.25 12.83 -3.54
N VAL A 93 25.72 13.05 -2.33
CA VAL A 93 26.73 12.20 -1.71
C VAL A 93 25.97 11.15 -0.90
N GLN A 94 26.39 9.89 -1.02
CA GLN A 94 25.81 8.82 -0.25
C GLN A 94 26.88 8.15 0.59
N GLU A 95 26.66 8.15 1.90
CA GLU A 95 27.59 7.59 2.84
C GLU A 95 26.96 6.51 3.68
N ARG A 96 27.71 5.47 3.98
CA ARG A 96 27.20 4.37 4.75
C ARG A 96 28.25 3.81 5.66
N THR A 97 27.82 3.26 6.79
CA THR A 97 28.59 2.23 7.44
C THR A 97 27.74 0.97 7.44
N ILE A 98 28.34 -0.17 7.21
CA ILE A 98 27.59 -1.40 7.10
C ILE A 98 28.23 -2.29 8.08
N PHE A 99 27.50 -2.84 9.04
CA PHE A 99 28.10 -3.69 10.03
C PHE A 99 27.69 -5.13 9.82
N PHE A 100 28.64 -6.02 9.53
CA PHE A 100 28.29 -7.43 9.38
C PHE A 100 28.37 -8.12 10.74
N LYS A 101 27.26 -8.48 11.30
CA LYS A 101 27.22 -9.23 12.57
C LYS A 101 28.35 -10.25 12.79
N ASP A 102 29.05 -10.12 13.89
CA ASP A 102 30.17 -10.99 14.29
C ASP A 102 31.32 -10.96 13.32
N ASP A 103 31.49 -9.85 12.62
CA ASP A 103 32.56 -9.76 11.67
C ASP A 103 32.86 -8.29 11.40
N GLY A 104 33.43 -7.98 10.24
CA GLY A 104 33.93 -6.65 9.99
C GLY A 104 32.88 -5.65 9.57
N ASN A 105 33.31 -4.49 9.13
CA ASN A 105 32.39 -3.50 8.66
C ASN A 105 32.99 -2.81 7.42
N TYR A 106 32.12 -2.30 6.55
CA TYR A 106 32.51 -1.49 5.40
C TYR A 106 32.13 -0.10 5.72
N LYS A 107 32.80 0.86 5.11
CA LYS A 107 32.51 2.23 5.23
C LYS A 107 32.65 2.78 3.86
N THR A 108 31.64 3.48 3.35
CA THR A 108 31.70 3.89 1.96
C THR A 108 31.29 5.35 1.75
N ARG A 109 31.85 5.93 0.71
CA ARG A 109 31.45 7.23 0.27
C ARG A 109 31.27 7.18 -1.23
N ALA A 110 30.14 7.67 -1.68
CA ALA A 110 29.89 7.72 -3.08
C ALA A 110 29.27 9.07 -3.53
N GLU A 111 29.47 9.38 -4.79
CA GLU A 111 28.85 10.54 -5.39
C GLU A 111 28.02 10.00 -6.52
N VAL A 112 26.75 10.40 -6.53
CA VAL A 112 25.83 9.96 -7.56
C VAL A 112 25.33 11.18 -8.31
N LYS A 113 25.57 11.23 -9.62
CA LYS A 113 25.15 12.41 -10.41
C LYS A 113 25.21 12.14 -11.85
N PHE A 114 24.63 13.04 -12.60
CA PHE A 114 24.68 12.97 -14.03
C PHE A 114 26.02 13.48 -14.57
N GLU A 115 26.65 12.70 -15.44
CA GLU A 115 27.86 13.12 -16.14
C GLU A 115 27.51 12.99 -17.59
N GLY A 116 27.11 14.09 -18.21
CA GLY A 116 26.50 14.00 -19.54
C GLY A 116 25.14 13.34 -19.43
N ASP A 117 24.79 12.47 -20.35
CA ASP A 117 23.47 11.82 -20.33
C ASP A 117 23.42 10.57 -19.40
N THR A 118 24.54 10.29 -18.72
CA THR A 118 24.68 9.13 -17.92
C THR A 118 24.68 9.39 -16.43
N LEU A 119 23.91 8.59 -15.71
CA LEU A 119 23.89 8.65 -14.27
C LEU A 119 25.07 7.85 -13.79
N VAL A 120 25.96 8.47 -13.03
CA VAL A 120 27.22 7.82 -12.62
C VAL A 120 27.38 7.75 -11.08
N ASN A 121 27.73 6.57 -10.59
CA ASN A 121 27.90 6.31 -9.17
C ASN A 121 29.34 5.96 -8.89
N ARG A 122 30.09 6.84 -8.26
CA ARG A 122 31.53 6.54 -8.02
C ARG A 122 31.74 6.36 -6.59
N ILE A 123 32.35 5.26 -6.24
CA ILE A 123 32.39 4.86 -4.84
C ILE A 123 33.80 4.57 -4.34
N GLU A 124 34.01 4.81 -3.06
CA GLU A 124 35.21 4.38 -2.41
C GLU A 124 34.75 3.57 -1.21
N LEU A 125 35.27 2.37 -1.04
CA LEU A 125 34.86 1.47 0.03
C LEU A 125 36.05 1.02 0.81
N LYS A 126 35.88 0.93 2.12
CA LYS A 126 36.91 0.41 2.97
C LYS A 126 36.38 -0.51 4.04
N GLY A 127 36.85 -1.74 4.06
CA GLY A 127 36.49 -2.70 5.07
C GLY A 127 37.64 -3.02 5.99
N ILE A 128 37.36 -3.18 7.28
CA ILE A 128 38.35 -3.51 8.27
C ILE A 128 37.73 -4.51 9.22
N ASP A 129 38.57 -5.17 10.02
CA ASP A 129 38.20 -6.11 11.07
C ASP A 129 37.54 -7.36 10.63
N PHE A 130 37.74 -7.80 9.40
CA PHE A 130 37.12 -9.05 8.97
C PHE A 130 37.95 -10.27 9.44
N LYS A 131 37.28 -11.37 9.74
CA LYS A 131 37.97 -12.59 10.07
C LYS A 131 38.36 -13.23 8.76
N GLU A 132 39.56 -13.81 8.70
CA GLU A 132 40.03 -14.40 7.45
C GLU A 132 39.25 -15.65 7.13
N ASP A 133 38.84 -16.37 8.15
CA ASP A 133 38.10 -17.58 7.96
C ASP A 133 36.60 -17.32 8.18
N GLY A 134 36.16 -16.07 8.14
CA GLY A 134 34.73 -15.76 8.27
C GLY A 134 33.90 -15.94 7.00
N ASN A 135 32.64 -15.57 7.09
CA ASN A 135 31.73 -15.71 5.98
C ASN A 135 32.04 -14.81 4.81
N ILE A 136 32.74 -13.70 5.03
CA ILE A 136 33.00 -12.78 3.97
C ILE A 136 34.31 -13.06 3.31
N LEU A 137 35.41 -13.10 4.05
CA LEU A 137 36.68 -13.34 3.40
C LEU A 137 36.79 -14.79 3.00
N GLY A 138 36.00 -15.66 3.62
CA GLY A 138 36.00 -17.06 3.27
C GLY A 138 35.03 -17.43 2.17
N HIS A 139 34.34 -16.47 1.61
CA HIS A 139 33.38 -16.72 0.56
C HIS A 139 32.39 -17.84 0.93
N LYS A 140 31.69 -17.70 2.05
CA LYS A 140 30.66 -18.66 2.40
C LYS A 140 29.24 -18.18 2.21
N LEU A 141 29.03 -17.09 1.47
CA LEU A 141 27.70 -16.60 1.20
C LEU A 141 27.18 -17.23 -0.08
N GLU A 142 25.88 -17.51 -0.10
CA GLU A 142 25.25 -18.02 -1.33
C GLU A 142 25.08 -16.91 -2.34
N TYR A 143 25.15 -17.27 -3.62
CA TYR A 143 24.95 -16.29 -4.68
C TYR A 143 23.45 -16.07 -4.92
N ASN A 144 22.82 -15.36 -4.00
CA ASN A 144 21.42 -15.00 -4.09
C ASN A 144 21.15 -13.76 -3.20
N TYR A 145 19.91 -13.30 -3.14
CA TYR A 145 19.64 -12.07 -2.45
C TYR A 145 18.18 -11.97 -1.99
N ASN A 146 17.94 -11.40 -0.83
CA ASN A 146 16.59 -11.32 -0.30
C ASN A 146 15.95 -9.96 -0.46
N SER A 147 14.65 -9.89 -0.27
CA SER A 147 13.92 -8.66 -0.37
C SER A 147 13.89 -7.97 0.99
N HIS A 148 14.00 -6.63 0.98
CA HIS A 148 14.10 -5.84 2.22
C HIS A 148 13.34 -4.55 2.10
N ASN A 149 13.15 -3.92 3.24
CA ASN A 149 12.66 -2.57 3.26
C ASN A 149 13.76 -1.62 3.61
N VAL A 150 13.78 -0.46 2.96
CA VAL A 150 14.72 0.59 3.26
C VAL A 150 13.99 1.80 3.82
N TYR A 151 14.19 2.04 5.11
CA TYR A 151 13.44 3.10 5.83
C TYR A 151 14.11 4.45 5.69
N ILE A 152 13.32 5.42 5.23
CA ILE A 152 13.87 6.74 4.91
C ILE A 152 13.20 7.80 5.74
N MET A 153 14.03 8.70 6.28
CA MET A 153 13.55 9.85 7.04
C MET A 153 14.29 11.06 6.63
N ALA A 154 13.65 12.22 6.79
CA ALA A 154 14.30 13.48 6.51
C ALA A 154 15.30 13.81 7.59
N ASP A 155 16.37 14.47 7.18
CA ASP A 155 17.33 15.04 8.12
C ASP A 155 17.38 16.52 7.77
N LYS A 156 16.49 17.29 8.37
CA LYS A 156 16.29 18.69 7.98
C LYS A 156 17.54 19.56 8.07
N GLN A 157 18.31 19.38 9.12
CA GLN A 157 19.55 20.10 9.24
C GLN A 157 20.45 19.97 7.99
N LYS A 158 20.82 18.76 7.62
CA LYS A 158 21.73 18.56 6.49
C LYS A 158 21.00 18.64 5.16
N ASN A 159 19.71 18.93 5.15
CA ASN A 159 18.96 19.05 3.92
C ASN A 159 19.06 17.79 3.06
N GLY A 160 18.96 16.65 3.73
CA GLY A 160 18.96 15.36 3.12
C GLY A 160 18.08 14.39 3.88
N ILE A 161 18.54 13.14 3.89
CA ILE A 161 17.81 12.09 4.50
C ILE A 161 18.73 11.17 5.26
N LYS A 162 18.20 10.48 6.26
CA LYS A 162 18.98 9.43 6.94
C LYS A 162 18.22 8.14 6.70
N VAL A 163 18.95 7.08 6.44
CA VAL A 163 18.37 5.87 5.94
C VAL A 163 18.87 4.70 6.77
N ASN A 164 18.01 3.74 7.05
CA ASN A 164 18.45 2.60 7.83
C ASN A 164 17.76 1.35 7.33
N PHE A 165 18.48 0.23 7.34
CA PHE A 165 17.95 -1.05 6.95
C PHE A 165 18.84 -2.20 7.33
N LYS A 166 18.30 -3.41 7.29
CA LYS A 166 19.12 -4.63 7.54
C LYS A 166 19.00 -5.56 6.39
N THR A 167 20.11 -6.11 5.91
CA THR A 167 20.04 -7.10 4.89
C THR A 167 20.39 -8.43 5.48
N ARG A 168 19.93 -9.50 4.83
CA ARG A 168 20.15 -10.86 5.31
C ARG A 168 20.76 -11.61 4.19
N HIS A 169 21.94 -12.15 4.40
CA HIS A 169 22.63 -12.88 3.32
C HIS A 169 22.67 -14.35 3.66
N ASN A 170 22.09 -15.19 2.81
CA ASN A 170 22.12 -16.58 3.08
C ASN A 170 23.54 -17.11 3.08
N ILE A 171 23.86 -17.86 4.10
CA ILE A 171 25.13 -18.54 4.22
C ILE A 171 24.96 -19.98 3.77
N GLU A 172 26.04 -20.62 3.35
CA GLU A 172 25.96 -21.96 2.77
C GLU A 172 25.48 -23.10 3.70
N ASP A 173 25.75 -23.01 4.99
CA ASP A 173 25.26 -24.00 5.94
C ASP A 173 23.80 -23.78 6.35
N GLY A 174 23.09 -22.89 5.65
CA GLY A 174 21.71 -22.64 5.94
C GLY A 174 21.40 -21.53 6.95
N SER A 175 22.40 -20.93 7.58
CA SER A 175 22.15 -19.86 8.51
C SER A 175 22.17 -18.54 7.75
N VAL A 176 22.14 -17.43 8.48
CA VAL A 176 22.01 -16.12 7.87
C VAL A 176 23.06 -15.18 8.41
N GLN A 177 23.65 -14.39 7.51
CA GLN A 177 24.60 -13.37 7.89
C GLN A 177 23.90 -12.03 7.81
N LEU A 178 23.78 -11.35 8.94
CA LEU A 178 23.17 -10.01 8.97
C LEU A 178 24.10 -8.89 8.60
N ALA A 179 23.62 -7.88 7.89
CA ALA A 179 24.38 -6.67 7.61
C ALA A 179 23.55 -5.46 7.94
N ASP A 180 23.99 -4.74 8.93
CA ASP A 180 23.34 -3.57 9.44
C ASP A 180 23.77 -2.28 8.76
N HIS A 181 22.87 -1.58 8.08
CA HIS A 181 23.27 -0.39 7.31
C HIS A 181 22.85 0.92 7.94
N TYR A 182 23.73 1.90 7.98
CA TYR A 182 23.41 3.28 8.35
C TYR A 182 23.87 4.13 7.22
N GLN A 183 22.97 5.00 6.77
CA GLN A 183 23.13 5.67 5.50
C GLN A 183 22.74 7.13 5.59
N GLN A 184 23.55 8.03 5.03
CA GLN A 184 23.23 9.49 4.96
C GLN A 184 23.34 9.90 3.54
N ASN A 185 22.44 10.73 3.07
CA ASN A 185 22.49 11.22 1.72
C ASN A 185 22.36 12.72 1.78
N THR A 186 23.24 13.42 1.08
CA THR A 186 23.32 14.85 1.11
C THR A 186 23.47 15.40 -0.30
N PRO A 187 22.74 16.43 -0.64
CA PRO A 187 22.85 17.00 -1.99
C PRO A 187 24.19 17.69 -2.29
N ILE A 188 24.59 17.63 -3.53
CA ILE A 188 25.82 18.22 -3.94
C ILE A 188 25.62 19.71 -4.25
N GLY A 189 24.51 20.04 -4.89
CA GLY A 189 24.20 21.44 -5.18
C GLY A 189 23.67 22.17 -3.97
N ASP A 190 23.49 23.47 -4.09
CA ASP A 190 22.85 24.19 -2.99
C ASP A 190 21.41 24.55 -3.33
N GLY A 191 20.94 24.15 -4.53
CA GLY A 191 19.55 24.28 -4.93
C GLY A 191 18.69 23.54 -3.91
N PRO A 192 17.36 23.77 -3.89
CA PRO A 192 16.58 23.13 -2.84
C PRO A 192 16.01 21.79 -3.34
N VAL A 193 15.66 20.93 -2.39
CA VAL A 193 15.34 19.53 -2.62
C VAL A 193 14.10 19.15 -1.85
N LEU A 194 13.60 17.95 -2.11
CA LEU A 194 12.41 17.49 -1.47
C LEU A 194 12.77 16.68 -0.26
N LEU A 195 12.29 17.09 0.90
CA LEU A 195 12.57 16.32 2.11
C LEU A 195 11.33 15.52 2.39
N PRO A 196 11.45 14.18 2.42
CA PRO A 196 10.22 13.44 2.49
C PRO A 196 9.72 13.24 3.90
N ASP A 197 8.48 12.80 4.00
CA ASP A 197 7.90 12.21 5.20
C ASP A 197 8.49 10.81 5.30
N ASN A 198 8.41 10.22 6.47
CA ASN A 198 8.89 8.88 6.69
C ASN A 198 8.28 7.84 5.77
N HIS A 199 9.11 7.00 5.16
CA HIS A 199 8.60 5.96 4.30
C HIS A 199 9.66 4.87 4.09
N TYR A 200 9.43 3.95 3.16
CA TYR A 200 10.46 3.00 2.84
C TYR A 200 10.45 2.66 1.37
N LEU A 201 11.51 2.01 0.91
CA LEU A 201 11.58 1.49 -0.43
C LEU A 201 11.54 -0.02 -0.31
N SER A 202 10.63 -0.63 -1.04
CA SER A 202 10.49 -2.06 -1.02
C SER A 202 11.37 -2.56 -2.18
N THR A 203 12.36 -3.40 -1.90
CA THR A 203 13.40 -3.74 -2.87
C THR A 203 13.52 -5.21 -3.04
N GLN A 204 13.72 -5.63 -4.25
CA GLN A 204 13.81 -7.04 -4.59
C GLN A 204 15.01 -7.08 -5.57
N SER A 205 15.92 -8.03 -5.40
CA SER A 205 17.06 -8.15 -6.23
C SER A 205 17.25 -9.58 -6.73
N ALA A 206 17.81 -9.71 -7.91
CA ALA A 206 18.07 -11.05 -8.45
C ALA A 206 19.44 -11.03 -9.04
N LEU A 207 20.25 -12.01 -8.69
CA LEU A 207 21.62 -12.07 -9.17
C LEU A 207 21.74 -13.18 -10.19
N SER A 208 22.49 -12.94 -11.25
CA SER A 208 22.68 -13.92 -12.25
C SER A 208 24.07 -13.72 -12.91
N LYS A 209 24.30 -14.33 -14.06
CA LYS A 209 25.55 -14.30 -14.74
C LYS A 209 25.38 -14.03 -16.24
N ASP A 210 26.39 -13.44 -16.86
CA ASP A 210 26.42 -13.18 -18.27
C ASP A 210 27.08 -14.38 -18.92
N PRO A 211 26.33 -15.12 -19.76
CA PRO A 211 26.92 -16.39 -20.19
C PRO A 211 28.26 -16.28 -20.92
N ASN A 212 28.53 -15.14 -21.56
CA ASN A 212 29.76 -15.02 -22.28
C ASN A 212 30.94 -14.52 -21.47
N GLU A 213 30.74 -14.16 -20.20
CA GLU A 213 31.79 -13.48 -19.46
C GLU A 213 32.76 -14.42 -18.73
N LYS A 214 34.04 -14.24 -19.00
CA LYS A 214 35.07 -15.06 -18.38
C LYS A 214 35.52 -14.47 -17.06
N ARG A 215 35.50 -13.14 -16.94
CA ARG A 215 35.97 -12.43 -15.72
C ARG A 215 35.02 -12.63 -14.52
N ASP A 216 35.50 -12.37 -13.32
CA ASP A 216 34.69 -12.50 -12.12
C ASP A 216 33.64 -11.40 -12.15
N HIS A 217 32.36 -11.75 -12.10
CA HIS A 217 31.33 -10.74 -12.33
C HIS A 217 29.98 -11.04 -11.77
N MET A 218 29.14 -10.00 -11.75
CA MET A 218 27.74 -10.10 -11.28
C MET A 218 26.75 -9.37 -12.17
N VAL A 219 25.67 -10.05 -12.58
CA VAL A 219 24.58 -9.39 -13.25
C VAL A 219 23.49 -9.22 -12.22
N LEU A 220 22.96 -8.02 -12.13
CA LEU A 220 21.99 -7.70 -11.12
C LEU A 220 20.75 -7.04 -11.72
N LEU A 221 19.59 -7.56 -11.38
CA LEU A 221 18.33 -6.89 -11.76
C LEU A 221 17.62 -6.54 -10.47
N GLU A 222 17.03 -5.35 -10.43
CA GLU A 222 16.46 -4.87 -9.22
C GLU A 222 15.12 -4.18 -9.58
N PHE A 223 14.16 -4.31 -8.68
CA PHE A 223 12.87 -3.70 -8.83
C PHE A 223 12.57 -3.05 -7.52
N VAL A 224 12.30 -1.77 -7.50
CA VAL A 224 12.10 -1.08 -6.27
C VAL A 224 10.94 -0.14 -6.32
N THR A 225 10.20 -0.05 -5.24
CA THR A 225 9.06 0.84 -5.15
C THR A 225 9.05 1.55 -3.83
N ALA A 226 8.61 2.79 -3.82
CA ALA A 226 8.38 3.55 -2.57
C ALA A 226 7.01 3.27 -2.00
N ALA A 227 6.88 3.35 -0.68
CA ALA A 227 5.63 3.02 -0.02
C ALA A 227 5.60 3.50 1.43
N GLY A 228 4.47 3.34 2.10
CA GLY A 228 4.39 3.55 3.53
C GLY A 228 3.93 4.90 3.99
N THR A 229 3.60 5.75 3.07
CA THR A 229 3.11 7.07 3.34
C THR A 229 1.60 7.00 3.16
N MET A 230 0.90 7.91 3.81
CA MET A 230 -0.55 7.93 3.76
C MET A 230 -0.94 8.56 2.43
N ALA A 231 -1.99 8.08 1.81
CA ALA A 231 -2.46 8.69 0.60
C ALA A 231 -3.54 9.69 0.91
N GLY A 232 -4.18 10.21 -0.11
CA GLY A 232 -5.45 10.89 0.11
C GLY A 232 -6.45 9.99 0.83
N ILE A 233 -7.39 10.64 1.49
CA ILE A 233 -8.42 10.00 2.25
C ILE A 233 -9.26 9.02 1.40
N ILE A 234 -9.39 9.31 0.11
CA ILE A 234 -10.07 8.40 -0.78
C ILE A 234 -9.43 7.04 -0.78
N GLY A 235 -8.12 6.97 -0.55
CA GLY A 235 -7.44 5.70 -0.44
C GLY A 235 -7.89 4.87 0.77
N ASN A 236 -8.03 5.47 1.92
CA ASN A 236 -8.50 4.73 3.08
C ASN A 236 -9.97 4.32 2.84
N LEU A 237 -10.76 5.20 2.26
CA LEU A 237 -12.15 4.85 1.91
C LEU A 237 -12.25 3.64 1.00
N ARG A 238 -11.59 3.67 -0.14
CA ARG A 238 -11.56 2.51 -1.04
C ARG A 238 -11.11 1.22 -0.37
N HIS A 239 -10.08 1.32 0.43
CA HIS A 239 -9.52 0.18 1.07
C HIS A 239 -10.48 -0.44 2.08
N MET A 240 -11.21 0.40 2.79
CA MET A 240 -12.16 -0.08 3.72
C MET A 240 -13.34 -0.74 3.03
N ALA A 241 -13.70 -0.20 1.87
CA ALA A 241 -14.83 -0.72 1.11
C ALA A 241 -14.56 -2.11 0.63
N LEU A 242 -13.35 -2.31 0.14
CA LEU A 242 -12.96 -3.62 -0.35
C LEU A 242 -13.00 -4.64 0.76
N ASP A 243 -12.52 -4.24 1.92
CA ASP A 243 -12.52 -5.15 3.03
C ASP A 243 -13.90 -5.49 3.50
N MET A 244 -14.78 -4.52 3.55
CA MET A 244 -16.13 -4.81 4.00
C MET A 244 -16.84 -5.76 3.06
N GLY A 245 -16.52 -5.65 1.78
CA GLY A 245 -17.12 -6.47 0.76
C GLY A 245 -16.82 -7.94 0.81
N ASN A 246 -15.78 -8.36 1.52
CA ASN A 246 -15.39 -9.76 1.58
C ASN A 246 -16.32 -10.67 2.34
N GLU A 247 -16.29 -11.94 1.96
CA GLU A 247 -17.13 -12.96 2.59
C GLU A 247 -18.61 -12.68 2.37
N ILE A 248 -18.94 -11.42 2.04
CA ILE A 248 -20.30 -11.01 1.81
C ILE A 248 -20.49 -10.66 0.34
N SER B 4 0.01 -21.15 -5.63
CA SER B 4 -0.42 -22.06 -6.76
C SER B 4 0.74 -22.50 -7.65
N LYS B 5 0.46 -23.49 -8.49
CA LYS B 5 1.46 -24.07 -9.38
C LYS B 5 1.70 -23.29 -10.67
N GLY B 6 0.67 -22.61 -11.15
CA GLY B 6 0.78 -21.85 -12.38
C GLY B 6 1.69 -20.67 -12.21
N GLU B 7 1.81 -20.24 -10.97
CA GLU B 7 2.70 -19.18 -10.62
C GLU B 7 4.07 -19.41 -11.23
N GLU B 8 4.54 -20.64 -11.18
CA GLU B 8 5.91 -20.91 -11.63
C GLU B 8 6.14 -20.74 -13.11
N LEU B 9 5.08 -20.68 -13.90
CA LEU B 9 5.19 -20.42 -15.29
C LEU B 9 5.47 -18.97 -15.60
N PHE B 10 5.32 -18.07 -14.65
CA PHE B 10 5.51 -16.66 -14.92
C PHE B 10 6.73 -16.07 -14.31
N THR B 11 7.58 -16.88 -13.73
CA THR B 11 8.76 -16.37 -13.09
C THR B 11 9.74 -15.72 -14.05
N GLY B 12 9.64 -15.98 -15.35
CA GLY B 12 10.51 -15.33 -16.32
C GLY B 12 9.76 -14.55 -17.38
N VAL B 13 10.47 -14.20 -18.45
CA VAL B 13 9.88 -13.47 -19.57
C VAL B 13 9.14 -14.46 -20.39
N VAL B 14 7.91 -14.17 -20.75
CA VAL B 14 7.08 -15.11 -21.48
C VAL B 14 6.64 -14.50 -22.79
N PRO B 15 6.71 -15.25 -23.88
CA PRO B 15 6.25 -14.71 -25.17
C PRO B 15 4.72 -14.67 -25.23
N ILE B 16 4.19 -13.70 -25.96
CA ILE B 16 2.77 -13.49 -26.02
C ILE B 16 2.30 -13.40 -27.44
N LEU B 17 1.10 -13.90 -27.66
CA LEU B 17 0.48 -13.75 -28.92
C LEU B 17 -0.96 -13.33 -28.74
N VAL B 18 -1.42 -12.42 -29.58
CA VAL B 18 -2.78 -11.97 -29.50
C VAL B 18 -3.42 -12.05 -30.88
N GLU B 19 -4.65 -12.58 -30.95
CA GLU B 19 -5.44 -12.58 -32.17
C GLU B 19 -6.81 -12.07 -31.86
N LEU B 20 -7.28 -11.10 -32.63
CA LEU B 20 -8.62 -10.60 -32.44
C LEU B 20 -9.38 -10.57 -33.76
N ASP B 21 -10.62 -11.05 -33.69
CA ASP B 21 -11.53 -10.96 -34.79
C ASP B 21 -12.64 -10.02 -34.42
N GLY B 22 -12.81 -8.96 -35.17
CA GLY B 22 -13.74 -7.92 -34.80
C GLY B 22 -14.79 -7.53 -35.81
N ASP B 23 -15.81 -6.87 -35.28
CA ASP B 23 -16.95 -6.47 -36.05
C ASP B 23 -17.66 -5.41 -35.25
N VAL B 24 -17.61 -4.18 -35.72
CA VAL B 24 -18.26 -3.07 -35.01
C VAL B 24 -19.22 -2.42 -35.96
N ASN B 25 -20.49 -2.36 -35.58
CA ASN B 25 -21.52 -1.83 -36.45
C ASN B 25 -21.43 -2.39 -37.88
N GLY B 26 -21.02 -3.65 -38.02
CA GLY B 26 -20.86 -4.24 -39.35
C GLY B 26 -19.49 -4.12 -40.01
N HIS B 27 -18.66 -3.19 -39.54
CA HIS B 27 -17.33 -3.09 -40.09
C HIS B 27 -16.46 -4.16 -39.45
N LYS B 28 -15.74 -4.90 -40.30
CA LYS B 28 -15.02 -6.06 -39.87
C LYS B 28 -13.56 -5.79 -39.93
N PHE B 29 -12.80 -6.44 -39.05
CA PHE B 29 -11.37 -6.23 -39.04
C PHE B 29 -10.70 -7.30 -38.22
N SER B 30 -9.40 -7.46 -38.43
CA SER B 30 -8.66 -8.43 -37.66
C SER B 30 -7.40 -7.79 -37.11
N VAL B 31 -6.99 -8.20 -35.93
CA VAL B 31 -5.81 -7.61 -35.30
C VAL B 31 -4.93 -8.73 -34.81
N SER B 32 -3.66 -8.55 -35.03
CA SER B 32 -2.69 -9.46 -34.56
C SER B 32 -1.78 -8.72 -33.66
N GLY B 33 -1.22 -9.40 -32.67
CA GLY B 33 -0.23 -8.79 -31.80
C GLY B 33 0.78 -9.76 -31.30
N GLU B 34 1.93 -9.26 -30.85
CA GLU B 34 2.94 -10.12 -30.24
C GLU B 34 3.86 -9.32 -29.40
N GLY B 35 4.55 -10.00 -28.49
CA GLY B 35 5.46 -9.35 -27.57
C GLY B 35 5.77 -10.23 -26.36
N GLU B 36 6.04 -9.61 -25.22
CA GLU B 36 6.51 -10.36 -24.06
C GLU B 36 5.89 -9.86 -22.83
N GLY B 37 5.80 -10.73 -21.84
CA GLY B 37 5.19 -10.42 -20.54
C GLY B 37 6.14 -10.85 -19.47
N ASP B 38 6.28 -10.03 -18.44
CA ASP B 38 7.29 -10.24 -17.43
C ASP B 38 6.67 -9.93 -16.07
N ALA B 39 5.98 -10.92 -15.53
CA ALA B 39 5.17 -10.70 -14.32
C ALA B 39 5.95 -10.36 -13.05
N THR B 40 7.19 -10.78 -12.99
CA THR B 40 8.05 -10.42 -11.86
C THR B 40 8.24 -8.95 -11.75
N TYR B 41 8.12 -8.24 -12.87
CA TYR B 41 8.22 -6.78 -12.86
C TYR B 41 6.92 -6.10 -13.27
N GLY B 42 5.80 -6.85 -13.28
CA GLY B 42 4.53 -6.34 -13.71
C GLY B 42 4.48 -5.71 -15.09
N LYS B 43 5.31 -6.20 -16.01
CA LYS B 43 5.49 -5.50 -17.27
C LYS B 43 5.07 -6.19 -18.52
N LEU B 44 4.54 -5.40 -19.43
CA LEU B 44 4.01 -5.90 -20.68
C LEU B 44 4.54 -5.06 -21.82
N THR B 45 4.96 -5.73 -22.90
CA THR B 45 5.48 -5.05 -24.07
C THR B 45 4.90 -5.72 -25.30
N LEU B 46 4.04 -5.01 -26.02
CA LEU B 46 3.29 -5.59 -27.12
C LEU B 46 3.21 -4.70 -28.37
N LYS B 47 2.91 -5.33 -29.49
CA LYS B 47 2.78 -4.64 -30.76
C LYS B 47 1.60 -5.19 -31.48
N PHE B 48 0.73 -4.29 -31.93
CA PHE B 48 -0.47 -4.71 -32.63
C PHE B 48 -0.53 -4.14 -34.02
N ILE B 49 -1.02 -4.93 -34.97
CA ILE B 49 -1.16 -4.55 -36.39
C ILE B 49 -2.53 -4.95 -36.84
N CYS B 50 -3.23 -4.03 -37.49
CA CYS B 50 -4.53 -4.36 -38.07
C CYS B 50 -4.25 -4.96 -39.45
N THR B 51 -4.46 -6.26 -39.56
CA THR B 51 -4.13 -7.00 -40.76
C THR B 51 -5.11 -6.86 -41.90
N THR B 52 -6.23 -6.16 -41.73
CA THR B 52 -7.17 -5.95 -42.81
C THR B 52 -7.18 -4.53 -43.35
N GLY B 53 -6.18 -3.74 -43.00
CA GLY B 53 -6.05 -2.38 -43.50
C GLY B 53 -6.30 -1.38 -42.40
N LYS B 54 -7.26 -0.49 -42.62
CA LYS B 54 -7.53 0.58 -41.69
C LYS B 54 -8.39 0.09 -40.51
N LEU B 55 -7.98 0.43 -39.28
CA LEU B 55 -8.74 0.03 -38.13
C LEU B 55 -10.00 0.89 -38.09
N PRO B 56 -11.18 0.26 -38.03
CA PRO B 56 -12.34 1.13 -38.06
C PRO B 56 -12.72 1.75 -36.72
N VAL B 57 -11.94 1.48 -35.66
CA VAL B 57 -12.15 2.19 -34.38
C VAL B 57 -10.81 2.69 -33.90
N PRO B 58 -10.81 3.62 -32.91
CA PRO B 58 -9.50 4.06 -32.39
C PRO B 58 -8.81 3.00 -31.55
N TRP B 59 -7.50 2.91 -31.66
CA TRP B 59 -6.74 1.89 -30.94
C TRP B 59 -6.95 1.95 -29.44
N PRO B 60 -7.09 3.15 -28.86
CA PRO B 60 -7.29 3.20 -27.43
C PRO B 60 -8.52 2.46 -26.95
N THR B 61 -9.53 2.32 -27.81
CA THR B 61 -10.72 1.61 -27.47
C THR B 61 -10.55 0.10 -27.44
N LEU B 62 -9.43 -0.43 -27.90
CA LEU B 62 -9.21 -1.89 -27.94
C LEU B 62 -8.17 -2.37 -26.97
N VAL B 63 -7.56 -1.46 -26.23
CA VAL B 63 -6.50 -1.76 -25.32
C VAL B 63 -6.85 -2.77 -24.27
N THR B 64 -7.97 -2.56 -23.60
CA THR B 64 -8.37 -3.47 -22.56
C THR B 64 -8.78 -4.80 -23.11
N THR B 65 -9.27 -4.84 -24.33
CA THR B 65 -9.66 -6.08 -24.94
C THR B 65 -8.40 -6.84 -25.32
N LEU B 66 -7.45 -6.15 -25.90
CA LEU B 66 -6.21 -6.74 -26.31
C LEU B 66 -5.37 -7.05 -25.11
N1 CRO B 67 -5.01 -6.05 -24.11
CA1 CRO B 67 -4.22 -6.50 -22.97
CB1 CRO B 67 -2.80 -5.89 -23.04
CG1 CRO B 67 -2.72 -4.74 -23.99
OG1 CRO B 67 -2.12 -5.46 -21.82
C1 CRO B 67 -5.14 -6.34 -21.81
N2 CRO B 67 -5.31 -5.25 -20.98
N3 CRO B 67 -5.99 -7.37 -21.42
C2 CRO B 67 -6.68 -6.92 -20.38
O2 CRO B 67 -7.61 -7.58 -19.74
CA2 CRO B 67 -6.25 -5.55 -20.08
CA3 CRO B 67 -6.23 -8.65 -22.08
C3 CRO B 67 -5.71 -9.85 -21.42
O3 CRO B 67 -6.11 -10.97 -21.72
CB2 CRO B 67 -6.75 -4.71 -18.95
CG2 CRO B 67 -6.48 -3.27 -18.69
CD1 CRO B 67 -5.67 -2.43 -19.43
CD2 CRO B 67 -7.39 -2.65 -17.80
CE1 CRO B 67 -5.62 -1.05 -19.15
CE2 CRO B 67 -7.34 -1.30 -17.50
CZ CRO B 67 -6.47 -0.48 -18.18
OH CRO B 67 -6.45 0.86 -17.87
N VAL B 68 -4.40 -9.58 -20.80
CA VAL B 68 -3.62 -10.70 -20.25
C VAL B 68 -3.17 -10.33 -18.85
N GLN B 69 -4.15 -10.20 -17.98
CA GLN B 69 -3.94 -9.84 -16.61
C GLN B 69 -3.19 -10.87 -15.83
N CYS B 70 -2.94 -12.04 -16.40
CA CYS B 70 -2.03 -13.01 -15.75
C CYS B 70 -0.63 -12.43 -15.60
N PHE B 71 -0.31 -11.35 -16.29
CA PHE B 71 1.00 -10.70 -16.10
C PHE B 71 1.09 -9.61 -15.04
N SER B 72 0.02 -9.36 -14.33
CA SER B 72 0.07 -8.42 -13.20
C SER B 72 1.11 -8.84 -12.21
N ARG B 73 1.70 -7.89 -11.50
CA ARG B 73 2.63 -8.23 -10.41
C ARG B 73 1.87 -8.28 -9.09
N TYR B 74 1.74 -9.47 -8.51
CA TYR B 74 1.11 -9.63 -7.19
C TYR B 74 2.22 -9.63 -6.15
N PRO B 75 2.19 -8.69 -5.22
CA PRO B 75 3.23 -8.70 -4.20
C PRO B 75 3.15 -9.94 -3.37
N ASP B 76 4.21 -10.19 -2.65
CA ASP B 76 4.41 -11.48 -2.00
C ASP B 76 3.35 -11.86 -1.02
N HIS B 77 2.91 -10.91 -0.21
CA HIS B 77 1.80 -11.17 0.73
C HIS B 77 0.40 -11.30 0.08
N MET B 78 0.28 -11.08 -1.21
CA MET B 78 -0.98 -11.11 -1.89
C MET B 78 -1.02 -12.27 -2.89
N LYS B 79 -0.07 -13.19 -2.87
CA LYS B 79 0.00 -14.22 -3.92
C LYS B 79 -1.15 -15.19 -3.89
N ARG B 80 -1.81 -15.32 -2.77
CA ARG B 80 -2.92 -16.23 -2.69
C ARG B 80 -4.20 -15.60 -3.27
N HIS B 81 -4.15 -14.37 -3.77
CA HIS B 81 -5.30 -13.81 -4.42
C HIS B 81 -5.15 -13.73 -5.94
N ASP B 82 -4.09 -14.30 -6.51
CA ASP B 82 -3.88 -14.22 -7.98
C ASP B 82 -4.62 -15.31 -8.75
N PHE B 83 -5.86 -15.06 -9.07
CA PHE B 83 -6.64 -15.99 -9.83
C PHE B 83 -6.04 -16.25 -11.19
N PHE B 84 -5.52 -15.21 -11.83
CA PHE B 84 -5.18 -15.32 -13.25
C PHE B 84 -4.08 -16.37 -13.44
N LYS B 85 -3.04 -16.32 -12.61
CA LYS B 85 -1.96 -17.30 -12.71
C LYS B 85 -2.33 -18.71 -12.26
N SER B 86 -3.21 -18.84 -11.29
CA SER B 86 -3.56 -20.18 -10.79
C SER B 86 -4.37 -21.01 -11.77
N ALA B 87 -4.96 -20.38 -12.80
CA ALA B 87 -5.73 -21.10 -13.80
C ALA B 87 -4.88 -21.59 -14.96
N MET B 88 -3.60 -21.27 -14.97
CA MET B 88 -2.73 -21.68 -16.05
C MET B 88 -2.16 -22.99 -15.62
N PRO B 89 -1.73 -23.82 -16.56
CA PRO B 89 -1.71 -23.49 -17.98
C PRO B 89 -3.01 -23.65 -18.75
N GLU B 90 -4.01 -24.31 -18.19
CA GLU B 90 -5.23 -24.59 -18.94
C GLU B 90 -5.89 -23.28 -19.37
N GLY B 91 -5.75 -22.24 -18.55
CA GLY B 91 -6.19 -20.89 -18.94
C GLY B 91 -7.55 -20.54 -18.38
N TYR B 92 -8.08 -19.46 -18.88
CA TYR B 92 -9.38 -19.00 -18.47
C TYR B 92 -10.01 -18.30 -19.61
N VAL B 93 -11.33 -18.14 -19.47
CA VAL B 93 -12.13 -17.43 -20.39
C VAL B 93 -12.41 -16.06 -19.82
N GLN B 94 -12.26 -15.01 -20.62
CA GLN B 94 -12.48 -13.67 -20.18
C GLN B 94 -13.59 -13.09 -21.03
N GLU B 95 -14.64 -12.58 -20.40
CA GLU B 95 -15.74 -12.02 -21.16
C GLU B 95 -16.06 -10.64 -20.67
N ARG B 96 -16.45 -9.76 -21.58
CA ARG B 96 -16.80 -8.41 -21.20
C ARG B 96 -17.93 -7.82 -22.01
N THR B 97 -18.57 -6.84 -21.41
CA THR B 97 -19.37 -5.92 -22.12
C THR B 97 -18.81 -4.53 -21.75
N ILE B 98 -18.62 -3.69 -22.75
CA ILE B 98 -17.99 -2.41 -22.54
C ILE B 98 -18.94 -1.35 -23.03
N PHE B 99 -19.35 -0.44 -22.17
CA PHE B 99 -20.31 0.60 -22.54
C PHE B 99 -19.69 1.98 -22.69
N PHE B 100 -19.65 2.47 -23.90
CA PHE B 100 -19.14 3.80 -24.14
C PHE B 100 -20.27 4.80 -23.90
N LYS B 101 -20.09 5.73 -22.98
CA LYS B 101 -21.12 6.70 -22.67
C LYS B 101 -21.57 7.49 -23.89
N ASP B 102 -22.89 7.53 -24.09
CA ASP B 102 -23.56 8.31 -25.15
C ASP B 102 -23.21 7.73 -26.51
N ASP B 103 -22.94 6.44 -26.56
CA ASP B 103 -22.53 5.83 -27.82
C ASP B 103 -22.76 4.33 -27.73
N GLY B 104 -22.10 3.53 -28.54
CA GLY B 104 -22.31 2.07 -28.54
C GLY B 104 -21.60 1.18 -27.50
N ASN B 105 -21.71 -0.14 -27.64
CA ASN B 105 -21.00 -1.05 -26.75
C ASN B 105 -20.29 -2.19 -27.44
N TYR B 106 -19.23 -2.69 -26.83
CA TYR B 106 -18.53 -3.88 -27.32
C TYR B 106 -18.88 -5.07 -26.45
N LYS B 107 -18.99 -6.24 -27.04
CA LYS B 107 -19.16 -7.48 -26.30
C LYS B 107 -18.04 -8.45 -26.70
N THR B 108 -17.29 -9.00 -25.75
CA THR B 108 -16.10 -9.75 -26.13
C THR B 108 -15.93 -11.04 -25.38
N ARG B 109 -15.28 -12.00 -26.02
CA ARG B 109 -15.03 -13.28 -25.39
C ARG B 109 -13.67 -13.72 -25.85
N ALA B 110 -12.85 -14.14 -24.91
CA ALA B 110 -11.53 -14.55 -25.26
C ALA B 110 -11.14 -15.70 -24.44
N GLU B 111 -10.11 -16.37 -24.90
CA GLU B 111 -9.55 -17.47 -24.17
C GLU B 111 -8.11 -17.13 -24.01
N VAL B 112 -7.60 -17.24 -22.79
CA VAL B 112 -6.22 -16.88 -22.49
C VAL B 112 -5.59 -18.15 -21.91
N LYS B 113 -4.61 -18.69 -22.60
CA LYS B 113 -3.98 -19.92 -22.16
C LYS B 113 -2.65 -20.14 -22.85
N PHE B 114 -1.93 -21.09 -22.30
CA PHE B 114 -0.65 -21.43 -22.86
C PHE B 114 -0.85 -22.39 -24.01
N GLU B 115 -0.06 -22.16 -25.04
CA GLU B 115 -0.11 -22.96 -26.24
C GLU B 115 1.37 -23.11 -26.40
N GLY B 116 1.86 -24.27 -25.96
CA GLY B 116 3.28 -24.50 -25.92
C GLY B 116 3.83 -23.68 -24.79
N ASP B 117 4.87 -22.91 -25.05
CA ASP B 117 5.41 -22.07 -24.02
C ASP B 117 5.04 -20.58 -24.21
N THR B 118 4.03 -20.35 -25.04
CA THR B 118 3.58 -19.04 -25.38
C THR B 118 2.23 -18.79 -24.77
N LEU B 119 2.07 -17.65 -24.12
CA LEU B 119 0.77 -17.26 -23.56
C LEU B 119 -0.02 -16.59 -24.69
N VAL B 120 -1.20 -17.13 -25.00
CA VAL B 120 -1.94 -16.66 -26.14
C VAL B 120 -3.32 -16.18 -25.75
N ASN B 121 -3.77 -15.11 -26.38
CA ASN B 121 -5.06 -14.55 -26.10
C ASN B 121 -5.87 -14.43 -27.38
N ARG B 122 -6.97 -15.18 -27.50
CA ARG B 122 -7.80 -15.12 -28.73
C ARG B 122 -9.11 -14.48 -28.46
N ILE B 123 -9.48 -13.46 -29.21
CA ILE B 123 -10.67 -12.71 -28.91
C ILE B 123 -11.60 -12.64 -30.09
N GLU B 124 -12.87 -12.57 -29.74
CA GLU B 124 -13.95 -12.27 -30.60
C GLU B 124 -14.59 -11.04 -30.03
N LEU B 125 -14.87 -10.04 -30.85
CA LEU B 125 -15.48 -8.81 -30.38
C LEU B 125 -16.57 -8.38 -31.32
N LYS B 126 -17.67 -7.89 -30.74
CA LYS B 126 -18.78 -7.38 -31.49
C LYS B 126 -19.26 -6.07 -30.91
N GLY B 127 -19.36 -5.05 -31.75
CA GLY B 127 -19.76 -3.73 -31.33
C GLY B 127 -20.99 -3.29 -32.07
N ILE B 128 -21.88 -2.58 -31.37
CA ILE B 128 -23.14 -2.15 -31.94
C ILE B 128 -23.69 -0.85 -31.40
N ASP B 129 -24.57 -0.24 -32.18
CA ASP B 129 -25.23 1.02 -31.82
C ASP B 129 -24.30 2.19 -31.66
N PHE B 130 -23.21 2.19 -32.42
CA PHE B 130 -22.29 3.29 -32.38
C PHE B 130 -22.76 4.36 -33.31
N LYS B 131 -22.47 5.61 -33.01
CA LYS B 131 -22.83 6.70 -33.90
C LYS B 131 -21.81 6.74 -35.00
N GLU B 132 -22.25 6.82 -36.25
CA GLU B 132 -21.33 6.89 -37.37
C GLU B 132 -20.42 8.12 -37.32
N ASP B 133 -20.87 9.18 -36.66
CA ASP B 133 -20.05 10.37 -36.53
C ASP B 133 -19.72 10.61 -35.07
N GLY B 134 -19.76 9.54 -34.26
CA GLY B 134 -19.46 9.63 -32.84
C GLY B 134 -17.97 9.58 -32.62
N ASN B 135 -17.56 9.66 -31.35
CA ASN B 135 -16.16 9.68 -31.03
C ASN B 135 -15.40 8.43 -31.43
N ILE B 136 -16.08 7.31 -31.56
CA ILE B 136 -15.41 6.09 -31.85
C ILE B 136 -15.31 5.92 -33.33
N LEU B 137 -16.44 5.79 -34.00
CA LEU B 137 -16.38 5.63 -35.46
C LEU B 137 -15.87 6.88 -36.17
N GLY B 138 -15.89 8.02 -35.48
CA GLY B 138 -15.38 9.22 -36.05
C GLY B 138 -13.95 9.49 -35.73
N HIS B 139 -13.25 8.56 -35.07
CA HIS B 139 -11.82 8.74 -34.74
C HIS B 139 -11.47 10.06 -34.09
N LYS B 140 -12.23 10.45 -33.07
CA LYS B 140 -11.95 11.65 -32.31
C LYS B 140 -11.20 11.43 -31.03
N LEU B 141 -10.68 10.23 -30.77
CA LEU B 141 -9.96 10.01 -29.50
C LEU B 141 -8.45 10.28 -29.63
N GLU B 142 -7.86 10.93 -28.64
CA GLU B 142 -6.43 11.16 -28.63
C GLU B 142 -5.73 9.85 -28.52
N TYR B 143 -4.50 9.82 -28.95
CA TYR B 143 -3.76 8.59 -28.97
C TYR B 143 -2.93 8.60 -27.74
N ASN B 144 -3.56 8.31 -26.62
CA ASN B 144 -2.91 8.23 -25.30
C ASN B 144 -3.81 7.45 -24.33
N TYR B 145 -3.41 7.29 -23.08
CA TYR B 145 -4.12 6.41 -22.17
C TYR B 145 -3.91 6.82 -20.72
N ASN B 146 -4.97 6.81 -19.94
CA ASN B 146 -4.83 7.14 -18.52
C ASN B 146 -4.58 5.89 -17.64
N SER B 147 -4.34 6.07 -16.37
CA SER B 147 -4.07 4.97 -15.49
C SER B 147 -5.35 4.77 -14.76
N HIS B 148 -5.63 3.53 -14.38
CA HIS B 148 -6.91 3.23 -13.73
C HIS B 148 -6.72 2.17 -12.69
N ASN B 149 -7.78 1.97 -11.92
CA ASN B 149 -7.90 0.86 -11.00
C ASN B 149 -8.90 -0.16 -11.51
N VAL B 150 -8.54 -1.42 -11.43
CA VAL B 150 -9.38 -2.49 -11.90
C VAL B 150 -9.85 -3.29 -10.71
N TYR B 151 -11.13 -3.21 -10.36
CA TYR B 151 -11.63 -3.84 -9.12
C TYR B 151 -12.05 -5.29 -9.34
N ILE B 152 -11.64 -6.16 -8.42
CA ILE B 152 -11.81 -7.60 -8.62
C ILE B 152 -12.46 -8.23 -7.41
N MET B 153 -13.48 -9.02 -7.64
CA MET B 153 -14.17 -9.74 -6.54
C MET B 153 -14.28 -11.19 -6.96
N ALA B 154 -14.38 -12.08 -6.00
CA ALA B 154 -14.58 -13.49 -6.35
C ALA B 154 -16.01 -13.79 -6.77
N ASP B 155 -16.15 -14.77 -7.63
CA ASP B 155 -17.44 -15.27 -7.99
C ASP B 155 -17.39 -16.74 -7.65
N LYS B 156 -17.74 -17.05 -6.41
CA LYS B 156 -17.64 -18.41 -5.90
C LYS B 156 -18.52 -19.35 -6.70
N GLN B 157 -19.71 -18.90 -7.03
CA GLN B 157 -20.66 -19.72 -7.73
C GLN B 157 -20.06 -20.17 -9.06
N LYS B 158 -19.27 -19.33 -9.72
CA LYS B 158 -18.70 -19.71 -11.00
C LYS B 158 -17.27 -20.17 -10.88
N ASN B 159 -16.78 -20.30 -9.66
CA ASN B 159 -15.40 -20.59 -9.38
C ASN B 159 -14.47 -19.66 -10.12
N GLY B 160 -14.84 -18.36 -10.21
CA GLY B 160 -13.95 -17.39 -10.81
C GLY B 160 -14.04 -16.03 -10.19
N ILE B 161 -13.95 -15.00 -11.03
CA ILE B 161 -13.99 -13.62 -10.57
C ILE B 161 -14.89 -12.75 -11.41
N LYS B 162 -15.37 -11.66 -10.84
CA LYS B 162 -16.12 -10.64 -11.57
C LYS B 162 -15.34 -9.38 -11.36
N VAL B 163 -15.22 -8.57 -12.40
CA VAL B 163 -14.32 -7.45 -12.40
C VAL B 163 -15.11 -6.27 -12.95
N ASN B 164 -14.88 -5.09 -12.42
CA ASN B 164 -15.60 -3.92 -12.90
C ASN B 164 -14.63 -2.77 -12.92
N PHE B 165 -14.75 -1.88 -13.88
CA PHE B 165 -13.93 -0.68 -13.90
C PHE B 165 -14.36 0.31 -14.96
N LYS B 166 -13.86 1.53 -14.87
CA LYS B 166 -14.08 2.53 -15.94
C LYS B 166 -12.79 3.07 -16.44
N THR B 167 -12.68 3.22 -17.75
CA THR B 167 -11.56 3.91 -18.35
C THR B 167 -12.01 5.24 -18.81
N ARG B 168 -11.07 6.14 -19.07
CA ARG B 168 -11.37 7.52 -19.51
C ARG B 168 -10.49 7.85 -20.69
N HIS B 169 -11.13 8.15 -21.80
CA HIS B 169 -10.40 8.44 -23.03
C HIS B 169 -10.54 9.91 -23.41
N ASN B 170 -9.42 10.59 -23.52
CA ASN B 170 -9.45 12.00 -23.87
C ASN B 170 -9.89 12.14 -25.30
N ILE B 171 -10.73 13.12 -25.54
CA ILE B 171 -11.21 13.40 -26.86
C ILE B 171 -10.52 14.66 -27.31
N GLU B 172 -10.33 14.79 -28.62
CA GLU B 172 -9.63 15.93 -29.23
C GLU B 172 -10.08 17.26 -28.66
N ASP B 173 -11.39 17.45 -28.64
CA ASP B 173 -11.94 18.73 -28.22
C ASP B 173 -11.77 19.06 -26.73
N GLY B 174 -11.02 18.26 -25.96
CA GLY B 174 -10.77 18.55 -24.56
C GLY B 174 -11.63 17.77 -23.57
N SER B 175 -12.77 17.24 -23.99
CA SER B 175 -13.61 16.43 -23.09
C SER B 175 -13.04 15.02 -22.95
N VAL B 176 -13.71 14.22 -22.13
CA VAL B 176 -13.25 12.87 -21.82
C VAL B 176 -14.37 11.90 -22.10
N GLN B 177 -14.07 10.78 -22.73
CA GLN B 177 -15.06 9.79 -23.11
C GLN B 177 -14.91 8.57 -22.18
N LEU B 178 -15.97 8.20 -21.49
CA LEU B 178 -15.93 7.05 -20.56
C LEU B 178 -16.35 5.74 -21.18
N ALA B 179 -15.83 4.67 -20.58
CA ALA B 179 -16.11 3.30 -20.99
C ALA B 179 -16.26 2.44 -19.76
N ASP B 180 -17.47 1.96 -19.53
CA ASP B 180 -17.79 1.20 -18.35
C ASP B 180 -17.59 -0.24 -18.68
N HIS B 181 -16.76 -0.93 -17.91
CA HIS B 181 -16.44 -2.32 -18.24
C HIS B 181 -17.07 -3.31 -17.26
N TYR B 182 -17.68 -4.37 -17.75
CA TYR B 182 -18.16 -5.43 -16.92
C TYR B 182 -17.46 -6.65 -17.39
N GLN B 183 -16.93 -7.43 -16.48
CA GLN B 183 -16.03 -8.51 -16.90
C GLN B 183 -16.21 -9.74 -16.04
N GLN B 184 -16.03 -10.92 -16.64
CA GLN B 184 -16.11 -12.15 -15.89
C GLN B 184 -15.01 -13.07 -16.40
N ASN B 185 -14.37 -13.77 -15.47
CA ASN B 185 -13.34 -14.71 -15.83
C ASN B 185 -13.66 -16.06 -15.21
N THR B 186 -13.44 -17.10 -15.98
CA THR B 186 -13.89 -18.44 -15.63
C THR B 186 -12.81 -19.41 -16.03
N PRO B 187 -12.44 -20.35 -15.14
CA PRO B 187 -11.37 -21.22 -15.60
C PRO B 187 -11.83 -22.17 -16.65
N ILE B 188 -10.92 -22.48 -17.54
CA ILE B 188 -11.19 -23.44 -18.60
C ILE B 188 -11.08 -24.88 -18.06
N GLY B 189 -10.10 -25.13 -17.19
CA GLY B 189 -9.92 -26.43 -16.54
C GLY B 189 -10.88 -26.65 -15.37
N ASP B 190 -10.89 -27.86 -14.84
CA ASP B 190 -11.77 -28.16 -13.71
C ASP B 190 -10.97 -28.39 -12.45
N GLY B 191 -9.64 -28.28 -12.54
CA GLY B 191 -8.83 -28.14 -11.34
C GLY B 191 -9.31 -26.96 -10.47
N PRO B 192 -8.80 -26.85 -9.23
CA PRO B 192 -9.22 -25.69 -8.44
C PRO B 192 -8.31 -24.50 -8.67
N VAL B 193 -8.71 -23.36 -8.13
CA VAL B 193 -7.97 -22.13 -8.32
C VAL B 193 -8.04 -21.28 -7.08
N LEU B 194 -7.35 -20.17 -7.12
CA LEU B 194 -7.43 -19.20 -6.07
C LEU B 194 -8.62 -18.24 -6.27
N LEU B 195 -9.47 -18.16 -5.26
CA LEU B 195 -10.53 -17.22 -5.26
C LEU B 195 -10.08 -16.15 -4.34
N PRO B 196 -9.97 -14.95 -4.86
CA PRO B 196 -9.33 -13.89 -4.07
C PRO B 196 -10.29 -13.09 -3.22
N ASP B 197 -9.76 -12.41 -2.24
CA ASP B 197 -10.51 -11.40 -1.52
C ASP B 197 -10.63 -10.22 -2.46
N ASN B 198 -11.45 -9.24 -2.14
CA ASN B 198 -11.58 -8.08 -2.95
C ASN B 198 -10.30 -7.26 -3.00
N HIS B 199 -9.88 -6.90 -4.21
CA HIS B 199 -8.70 -6.09 -4.41
C HIS B 199 -8.75 -5.32 -5.72
N TYR B 200 -7.67 -4.66 -6.08
CA TYR B 200 -7.63 -4.06 -7.36
C TYR B 200 -6.28 -4.17 -8.01
N LEU B 201 -6.24 -3.91 -9.29
CA LEU B 201 -5.00 -3.88 -10.03
C LEU B 201 -4.77 -2.44 -10.45
N SER B 202 -3.62 -1.91 -10.13
CA SER B 202 -3.31 -0.57 -10.50
C SER B 202 -2.63 -0.65 -11.89
N THR B 203 -3.13 0.06 -12.89
CA THR B 203 -2.58 -0.10 -14.26
C THR B 203 -2.15 1.20 -14.93
N GLN B 204 -1.03 1.12 -15.64
CA GLN B 204 -0.40 2.22 -16.34
C GLN B 204 -0.17 1.77 -17.76
N SER B 205 -0.52 2.58 -18.75
CA SER B 205 -0.31 2.19 -20.13
C SER B 205 0.26 3.31 -20.97
N ALA B 206 1.23 3.00 -21.81
CA ALA B 206 1.87 3.97 -22.66
C ALA B 206 1.67 3.55 -24.13
N LEU B 207 1.10 4.43 -24.95
CA LEU B 207 0.96 4.09 -26.36
C LEU B 207 2.01 4.80 -27.19
N SER B 208 2.45 4.15 -28.27
CA SER B 208 3.45 4.72 -29.15
C SER B 208 3.35 4.11 -30.56
N LYS B 209 4.26 4.49 -31.44
CA LYS B 209 4.31 3.94 -32.77
C LYS B 209 5.72 3.49 -33.09
N ASP B 210 5.82 2.45 -33.87
CA ASP B 210 7.07 2.08 -34.49
C ASP B 210 7.35 2.92 -35.75
N PRO B 211 8.48 3.69 -35.78
CA PRO B 211 8.66 4.53 -36.98
C PRO B 211 8.84 3.80 -38.28
N ASN B 212 9.30 2.54 -38.23
CA ASN B 212 9.48 1.72 -39.43
C ASN B 212 8.23 1.00 -39.92
N GLU B 213 7.06 1.25 -39.35
CA GLU B 213 5.90 0.43 -39.67
C GLU B 213 4.82 1.23 -40.40
N LYS B 214 4.38 0.70 -41.54
CA LYS B 214 3.45 1.42 -42.41
C LYS B 214 2.01 0.99 -42.28
N ARG B 215 1.76 -0.17 -41.69
CA ARG B 215 0.38 -0.63 -41.49
C ARG B 215 -0.19 0.10 -40.24
N ASP B 216 -1.51 0.23 -40.17
CA ASP B 216 -2.14 0.76 -38.98
C ASP B 216 -1.76 -0.17 -37.81
N HIS B 217 -1.10 0.36 -36.77
CA HIS B 217 -0.55 -0.47 -35.71
C HIS B 217 -0.52 0.30 -34.37
N MET B 218 -0.15 -0.42 -33.31
CA MET B 218 -0.02 0.15 -31.94
C MET B 218 1.03 -0.58 -31.13
N VAL B 219 1.94 0.19 -30.53
CA VAL B 219 2.98 -0.36 -29.66
C VAL B 219 2.52 0.00 -28.27
N LEU B 220 2.53 -0.96 -27.37
CA LEU B 220 1.94 -0.78 -26.04
C LEU B 220 2.86 -1.31 -24.92
N LEU B 221 3.14 -0.47 -23.94
CA LEU B 221 3.90 -0.91 -22.79
C LEU B 221 2.96 -0.75 -21.63
N GLU B 222 2.92 -1.71 -20.72
CA GLU B 222 1.92 -1.62 -19.64
C GLU B 222 2.63 -1.98 -18.39
N PHE B 223 2.17 -1.46 -17.28
CA PHE B 223 2.78 -1.81 -16.02
C PHE B 223 1.66 -1.99 -15.00
N VAL B 224 1.61 -3.13 -14.30
CA VAL B 224 0.44 -3.45 -13.47
C VAL B 224 0.81 -4.16 -12.16
N THR B 225 0.31 -3.64 -11.06
CA THR B 225 0.54 -4.25 -9.73
C THR B 225 -0.79 -4.36 -8.99
N ALA B 226 -0.91 -5.37 -8.17
CA ALA B 226 -2.10 -5.57 -7.38
C ALA B 226 -2.00 -4.84 -6.07
N ALA B 227 -3.12 -4.52 -5.45
CA ALA B 227 -3.11 -3.82 -4.17
C ALA B 227 -4.48 -3.85 -3.53
N GLY B 228 -4.64 -3.20 -2.38
CA GLY B 228 -5.94 -2.98 -1.77
C GLY B 228 -6.36 -4.01 -0.72
N THR B 229 -5.54 -4.99 -0.47
CA THR B 229 -5.90 -6.03 0.44
C THR B 229 -5.14 -5.76 1.72
N MET B 230 -5.50 -6.42 2.78
CA MET B 230 -4.87 -6.21 4.07
C MET B 230 -3.64 -7.07 4.11
N ALA B 231 -2.61 -6.63 4.76
CA ALA B 231 -1.40 -7.43 4.88
C ALA B 231 -1.37 -7.96 6.29
N GLY B 232 -0.31 -8.65 6.66
CA GLY B 232 -0.09 -9.05 8.04
C GLY B 232 -0.12 -7.84 8.97
N ILE B 233 -0.36 -8.06 10.23
CA ILE B 233 -0.51 -6.93 11.18
C ILE B 233 0.75 -6.11 11.31
N ILE B 234 1.87 -6.74 11.03
CA ILE B 234 3.14 -6.07 11.04
C ILE B 234 3.12 -4.89 10.09
N GLY B 235 2.41 -5.03 8.99
CA GLY B 235 2.25 -3.97 8.01
C GLY B 235 1.53 -2.77 8.53
N ASN B 236 0.49 -2.99 9.31
CA ASN B 236 -0.23 -1.87 9.89
C ASN B 236 0.64 -1.23 10.97
N LEU B 237 1.45 -2.02 11.65
CA LEU B 237 2.32 -1.42 12.65
C LEU B 237 3.48 -0.59 12.06
N ARG B 238 4.08 -1.05 10.98
CA ARG B 238 5.16 -0.28 10.34
C ARG B 238 4.59 1.01 9.81
N HIS B 239 3.44 0.91 9.21
CA HIS B 239 2.79 2.11 8.65
CA HIS B 239 2.81 2.12 8.67
C HIS B 239 2.38 3.16 9.72
N MET B 240 1.94 2.67 10.85
CA MET B 240 1.65 3.60 11.89
C MET B 240 2.91 4.21 12.51
N ALA B 241 3.97 3.44 12.70
CA ALA B 241 5.21 3.98 13.26
C ALA B 241 5.81 5.04 12.39
N LEU B 242 5.71 4.85 11.08
CA LEU B 242 6.25 5.84 10.17
C LEU B 242 5.48 7.15 10.25
N ASP B 243 4.16 7.12 10.33
CA ASP B 243 3.39 8.33 10.34
C ASP B 243 3.55 9.09 11.65
N MET B 244 3.76 8.36 12.75
CA MET B 244 3.98 9.03 14.02
C MET B 244 5.37 9.72 14.07
N GLY B 245 6.34 9.20 13.33
CA GLY B 245 7.66 9.75 13.35
C GLY B 245 7.78 11.05 12.63
N ASN B 246 6.80 11.40 11.82
CA ASN B 246 6.87 12.63 11.05
C ASN B 246 6.61 13.76 11.96
N GLU B 247 6.88 14.94 11.48
CA GLU B 247 6.62 16.13 12.29
C GLU B 247 7.23 17.26 11.57
N ARG C 11 44.69 -0.77 41.70
CA ARG C 11 43.20 -0.65 41.61
C ARG C 11 42.59 -1.72 40.71
N LEU C 12 42.77 -1.56 39.39
CA LEU C 12 42.17 -2.44 38.38
C LEU C 12 40.67 -2.51 38.55
N ASP C 13 40.04 -1.36 38.44
CA ASP C 13 38.62 -1.33 38.67
C ASP C 13 37.98 -1.72 37.37
N ALA C 14 36.69 -1.97 37.48
CA ALA C 14 35.91 -2.46 36.41
C ALA C 14 35.80 -1.46 35.29
N ALA C 15 35.72 -0.17 35.61
CA ALA C 15 35.63 0.84 34.57
C ALA C 15 36.80 0.67 33.65
N CYS C 16 37.95 0.43 34.24
CA CYS C 16 39.18 0.38 33.50
C CYS C 16 39.34 -0.92 32.72
N PHE C 17 38.80 -2.02 33.25
CA PHE C 17 38.78 -3.30 32.57
C PHE C 17 37.90 -3.19 31.37
N TRP C 18 36.74 -2.59 31.56
CA TRP C 18 35.79 -2.41 30.47
C TRP C 18 36.43 -1.67 29.30
N GLN C 19 37.07 -0.56 29.62
CA GLN C 19 37.64 0.31 28.62
C GLN C 19 38.67 -0.40 27.75
N ILE C 20 39.42 -1.32 28.34
CA ILE C 20 40.36 -2.12 27.55
C ILE C 20 39.61 -3.12 26.66
N TRP C 21 38.60 -3.75 27.23
CA TRP C 21 37.78 -4.73 26.53
C TRP C 21 37.09 -4.12 25.32
N GLN C 22 36.69 -2.85 25.44
CA GLN C 22 36.06 -2.09 24.34
C GLN C 22 36.89 -2.00 23.08
N ARG C 23 38.20 -1.79 23.22
CA ARG C 23 39.07 -1.62 22.06
C ARG C 23 39.08 -2.90 21.24
N PHE C 24 38.63 -4.04 21.79
CA PHE C 24 38.58 -5.26 21.00
C PHE C 24 37.17 -5.60 20.59
N ASP C 25 36.26 -5.48 21.53
CA ASP C 25 34.89 -5.84 21.29
C ASP C 25 34.14 -4.54 21.05
N LYS C 26 34.32 -3.95 19.88
CA LYS C 26 33.77 -2.61 19.63
C LYS C 26 32.27 -2.60 19.34
N GLU C 27 31.70 -3.74 18.92
CA GLU C 27 30.27 -3.78 18.58
C GLU C 27 29.45 -4.35 19.73
N GLU C 28 30.03 -4.48 20.93
CA GLU C 28 29.37 -5.02 22.11
C GLU C 28 28.81 -6.44 21.96
N LYS C 29 29.65 -7.35 21.46
CA LYS C 29 29.24 -8.73 21.27
C LYS C 29 29.17 -9.47 22.59
N GLY C 30 29.96 -9.05 23.57
CA GLY C 30 30.05 -9.77 24.83
C GLY C 30 31.20 -10.76 24.79
N TYR C 31 32.02 -10.73 23.75
CA TYR C 31 33.17 -11.61 23.71
C TYR C 31 34.23 -11.01 22.82
N ILE C 32 35.42 -11.57 22.86
CA ILE C 32 36.53 -11.14 21.99
C ILE C 32 36.88 -12.36 21.16
N ARG C 33 37.78 -12.23 20.19
CA ARG C 33 38.04 -13.33 19.26
C ARG C 33 39.11 -14.32 19.68
N GLU C 34 39.73 -14.14 20.82
CA GLU C 34 40.79 -15.07 21.23
C GLU C 34 42.15 -14.84 20.53
N THR C 35 42.14 -14.46 19.25
CA THR C 35 43.38 -14.13 18.57
C THR C 35 43.85 -12.86 19.27
N GLU C 36 42.89 -11.98 19.52
CA GLU C 36 43.04 -10.72 20.22
C GLU C 36 43.42 -10.94 21.69
N LEU C 37 43.41 -12.19 22.13
CA LEU C 37 43.59 -12.48 23.54
C LEU C 37 44.91 -11.96 24.13
N ASP C 38 46.01 -12.25 23.45
CA ASP C 38 47.31 -11.86 23.98
C ASP C 38 47.48 -10.35 23.97
N ALA C 39 46.96 -9.69 22.96
CA ALA C 39 46.97 -8.24 22.94
C ALA C 39 46.24 -7.68 24.19
N PHE C 40 45.10 -8.28 24.53
CA PHE C 40 44.36 -7.91 25.73
C PHE C 40 45.26 -7.92 26.96
N PHE C 41 45.91 -9.05 27.19
CA PHE C 41 46.80 -9.17 28.32
C PHE C 41 47.90 -8.13 28.36
N ASP C 42 48.52 -7.85 27.22
CA ASP C 42 49.51 -6.77 27.16
C ASP C 42 48.92 -5.43 27.60
N HIS C 43 47.71 -5.14 27.16
CA HIS C 43 47.04 -3.96 27.60
C HIS C 43 46.84 -3.94 29.12
N LEU C 44 46.47 -5.08 29.70
CA LEU C 44 46.33 -5.12 31.16
C LEU C 44 47.63 -4.89 31.87
N LEU C 45 48.68 -5.56 31.40
CA LEU C 45 49.96 -5.44 32.07
C LEU C 45 50.51 -4.04 32.03
N ALA C 46 50.32 -3.35 30.91
CA ALA C 46 50.73 -1.96 30.76
C ALA C 46 49.80 -0.96 31.50
N LYS C 47 49.33 -1.30 32.69
CA LYS C 47 48.40 -0.47 33.47
C LYS C 47 47.33 0.27 32.64
N THR C 53 52.78 -7.01 39.55
CA THR C 53 53.04 -8.36 40.04
C THR C 53 51.80 -9.12 40.45
N LEU C 54 50.90 -8.47 41.21
CA LEU C 54 49.63 -9.10 41.53
C LEU C 54 48.99 -9.40 40.20
N MET C 55 49.13 -8.43 39.31
CA MET C 55 48.57 -8.54 37.97
C MET C 55 49.12 -9.69 37.11
N GLU C 56 50.44 -9.86 37.14
CA GLU C 56 51.08 -10.87 36.33
C GLU C 56 50.68 -12.24 36.79
N GLU C 57 50.65 -12.41 38.11
CA GLU C 57 50.15 -13.65 38.71
C GLU C 57 48.81 -14.01 38.09
N ASN C 58 47.87 -13.05 38.11
CA ASN C 58 46.53 -13.34 37.63
C ASN C 58 46.43 -13.69 36.14
N VAL C 59 47.40 -13.30 35.32
CA VAL C 59 47.35 -13.65 33.90
C VAL C 59 47.71 -15.14 33.73
N GLN C 60 48.77 -15.57 34.43
CA GLN C 60 49.22 -16.96 34.46
C GLN C 60 48.07 -17.84 34.85
N LYS C 61 47.49 -17.52 36.01
CA LYS C 61 46.34 -18.25 36.49
C LYS C 61 45.28 -18.24 35.39
N VAL C 62 44.90 -17.04 34.97
CA VAL C 62 43.89 -16.90 33.95
C VAL C 62 44.26 -17.77 32.74
N LYS C 63 45.46 -17.59 32.23
CA LYS C 63 45.89 -18.44 31.11
C LYS C 63 45.80 -19.89 31.51
N GLU C 64 46.28 -20.20 32.71
CA GLU C 64 46.27 -21.57 33.22
C GLU C 64 44.95 -22.28 32.96
N GLN C 65 43.90 -21.54 32.65
CA GLN C 65 42.62 -22.16 32.38
C GLN C 65 42.59 -22.69 30.94
N LEU C 66 43.07 -23.92 30.78
CA LEU C 66 43.13 -24.56 29.46
C LEU C 66 41.96 -25.54 29.37
N GLY C 76 36.12 -19.49 17.76
CA GLY C 76 37.05 -19.26 18.87
C GLY C 76 36.65 -18.00 19.62
N ARG C 77 35.76 -18.15 20.59
CA ARG C 77 35.28 -17.02 21.34
C ARG C 77 35.65 -17.15 22.79
N ILE C 78 35.68 -16.02 23.47
CA ILE C 78 36.10 -15.94 24.84
C ILE C 78 35.17 -14.94 25.42
N LEU C 79 34.35 -15.34 26.37
CA LEU C 79 33.31 -14.48 26.90
C LEU C 79 33.85 -13.62 28.02
N MET C 80 33.30 -12.42 28.13
CA MET C 80 33.73 -11.49 29.14
C MET C 80 33.77 -12.17 30.49
N LYS C 81 32.69 -12.85 30.84
CA LYS C 81 32.64 -13.64 32.08
C LYS C 81 33.90 -14.41 32.38
N GLU C 82 34.43 -15.05 31.37
CA GLU C 82 35.59 -15.88 31.55
C GLU C 82 36.78 -15.13 32.04
N LEU C 83 36.83 -13.82 31.87
CA LEU C 83 37.99 -13.08 32.37
C LEU C 83 37.68 -12.25 33.56
N ALA C 84 36.55 -11.55 33.51
CA ALA C 84 36.12 -10.68 34.59
C ALA C 84 36.16 -11.46 35.90
N SER C 85 35.57 -12.64 35.85
CA SER C 85 35.50 -13.51 36.99
C SER C 85 36.78 -13.55 37.77
N MET C 86 37.89 -13.23 37.12
CA MET C 86 39.18 -13.29 37.77
C MET C 86 39.83 -11.95 38.07
N PHE C 87 39.61 -10.94 37.26
CA PHE C 87 40.29 -9.67 37.49
C PHE C 87 39.46 -8.70 38.32
N LEU C 88 38.19 -9.00 38.53
CA LEU C 88 37.34 -8.10 39.28
C LEU C 88 36.67 -8.77 40.45
N SER C 89 36.21 -7.92 41.35
CA SER C 89 35.57 -8.32 42.60
C SER C 89 34.26 -9.05 42.36
N GLU C 90 33.75 -9.68 43.40
CA GLU C 90 32.50 -10.42 43.27
C GLU C 90 31.37 -9.42 43.05
N ASP C 91 31.48 -8.27 43.69
CA ASP C 91 30.49 -7.24 43.52
C ASP C 91 30.48 -6.77 42.09
N GLU C 92 31.65 -6.51 41.54
CA GLU C 92 31.73 -6.03 40.16
C GLU C 92 31.21 -7.01 39.13
N ASN C 93 31.48 -8.31 39.32
CA ASN C 93 30.97 -9.35 38.42
C ASN C 93 29.47 -9.36 38.43
N PHE C 94 28.90 -9.16 39.62
CA PHE C 94 27.46 -9.07 39.77
C PHE C 94 26.91 -7.81 39.05
N LEU C 95 27.59 -6.68 39.15
CA LEU C 95 27.12 -5.48 38.44
C LEU C 95 27.11 -5.75 36.95
N LEU C 96 28.20 -6.33 36.48
CA LEU C 96 28.34 -6.64 35.08
C LEU C 96 27.53 -7.79 34.57
N PHE C 97 27.11 -8.75 35.41
CA PHE C 97 26.39 -9.93 34.89
C PHE C 97 25.04 -10.33 35.42
N PHE C 98 24.55 -9.68 36.48
CA PHE C 98 23.22 -10.02 37.01
C PHE C 98 22.16 -10.11 35.90
N ARG C 99 22.41 -9.31 34.87
CA ARG C 99 21.56 -9.17 33.73
C ARG C 99 21.44 -10.48 32.94
N LEU C 100 22.49 -11.29 32.97
CA LEU C 100 22.47 -12.55 32.28
C LEU C 100 21.80 -13.59 33.13
N GLU C 101 21.38 -13.27 34.35
CA GLU C 101 20.71 -14.26 35.18
C GLU C 101 19.22 -14.27 34.93
N THR C 102 18.80 -13.64 33.85
CA THR C 102 17.42 -13.59 33.40
C THR C 102 17.51 -12.39 32.52
N PRO C 103 17.93 -12.55 31.23
CA PRO C 103 18.05 -11.28 30.49
C PRO C 103 16.67 -10.70 30.46
N LEU C 104 16.55 -9.41 30.17
CA LEU C 104 15.23 -8.85 30.15
C LEU C 104 14.50 -9.30 28.88
N ASP C 105 13.35 -9.88 29.19
CA ASP C 105 12.37 -10.53 28.30
C ASP C 105 11.34 -9.55 27.77
N ASN C 106 10.67 -8.91 28.72
CA ASN C 106 9.46 -8.19 28.48
C ASN C 106 9.75 -6.68 28.54
N SER C 107 9.36 -5.96 27.50
CA SER C 107 9.66 -4.54 27.46
C SER C 107 8.77 -3.68 28.34
N VAL C 108 7.71 -4.25 28.91
CA VAL C 108 6.87 -3.46 29.81
C VAL C 108 7.51 -3.44 31.17
N GLU C 109 8.19 -4.53 31.53
CA GLU C 109 8.91 -4.58 32.77
C GLU C 109 10.03 -3.57 32.69
N PHE C 110 10.74 -3.54 31.54
CA PHE C 110 11.83 -2.59 31.32
C PHE C 110 11.34 -1.15 31.49
N MET C 111 10.21 -0.81 30.87
CA MET C 111 9.70 0.58 31.00
C MET C 111 9.29 0.93 32.43
N GLN C 112 8.77 -0.05 33.16
CA GLN C 112 8.43 0.16 34.60
C GLN C 112 9.66 0.48 35.41
N ILE C 113 10.77 -0.21 35.12
CA ILE C 113 12.04 0.08 35.76
C ILE C 113 12.47 1.50 35.38
N TRP C 114 12.44 1.82 34.10
CA TRP C 114 12.77 3.18 33.65
C TRP C 114 11.95 4.27 34.30
N ARG C 115 10.63 4.07 34.33
CA ARG C 115 9.72 5.05 34.94
C ARG C 115 9.99 5.26 36.40
N LYS C 116 10.35 4.19 37.09
CA LYS C 116 10.60 4.26 38.52
C LYS C 116 11.84 5.09 38.85
N TYR C 117 12.95 4.83 38.17
CA TYR C 117 14.19 5.49 38.53
C TYR C 117 14.42 6.79 37.82
N ASP C 118 13.80 7.03 36.67
CA ASP C 118 13.70 8.43 36.12
C ASP C 118 12.58 9.16 36.90
N ALA C 119 12.84 9.40 38.18
CA ALA C 119 11.79 9.77 39.12
C ALA C 119 11.25 11.16 38.87
N ASP C 120 12.09 12.07 38.38
CA ASP C 120 11.66 13.42 37.94
C ASP C 120 11.18 13.50 36.47
N SER C 121 10.97 12.34 35.82
CA SER C 121 10.59 12.29 34.37
C SER C 121 11.46 13.14 33.44
N SER C 122 12.76 13.22 33.68
CA SER C 122 13.62 14.02 32.81
C SER C 122 13.81 13.43 31.41
N GLY C 123 13.55 12.15 31.26
CA GLY C 123 13.97 11.41 30.07
C GLY C 123 15.41 10.93 30.13
N PHE C 124 16.10 11.24 31.24
CA PHE C 124 17.45 10.74 31.50
C PHE C 124 17.56 10.22 32.94
N ILE C 125 18.44 9.26 33.14
CA ILE C 125 18.75 8.81 34.50
C ILE C 125 20.05 9.47 34.89
N SER C 126 20.01 10.23 36.01
CA SER C 126 21.24 10.84 36.57
C SER C 126 21.97 9.88 37.53
N ALA C 127 23.17 10.28 37.96
CA ALA C 127 23.95 9.53 38.90
C ALA C 127 23.13 9.22 40.14
N ALA C 128 22.45 10.23 40.69
CA ALA C 128 21.65 10.02 41.90
C ALA C 128 20.61 8.94 41.67
N GLU C 129 19.95 8.98 40.50
CA GLU C 129 18.88 8.03 40.20
C GLU C 129 19.45 6.65 39.96
N LEU C 130 20.60 6.56 39.28
CA LEU C 130 21.29 5.27 39.13
C LEU C 130 21.65 4.71 40.49
N CYS C 131 22.02 5.57 41.44
CA CYS C 131 22.39 5.10 42.79
C CYS C 131 21.19 4.47 43.49
N ASN C 132 20.02 5.04 43.29
CA ASN C 132 18.79 4.40 43.82
C ASN C 132 18.53 3.07 43.15
N PHE C 133 18.81 2.98 41.85
CA PHE C 133 18.65 1.72 41.14
C PHE C 133 19.55 0.65 41.75
N LEU C 134 20.82 0.98 41.91
CA LEU C 134 21.78 0.07 42.52
C LEU C 134 21.42 -0.30 43.94
N ARG C 135 21.00 0.69 44.72
CA ARG C 135 20.59 0.42 46.12
C ARG C 135 19.53 -0.68 46.16
N ASP C 136 18.42 -0.44 45.47
CA ASP C 136 17.34 -1.44 45.50
C ASP C 136 17.77 -2.75 44.86
N LEU C 137 18.72 -2.69 43.91
CA LEU C 137 19.16 -3.89 43.22
C LEU C 137 19.88 -4.82 44.19
N PHE C 138 20.85 -4.29 44.93
CA PHE C 138 21.56 -5.07 45.92
C PHE C 138 20.62 -5.65 47.00
N LEU C 139 19.73 -4.81 47.55
CA LEU C 139 18.73 -5.27 48.54
C LEU C 139 17.88 -6.41 48.02
N HIS C 140 17.51 -6.35 46.74
CA HIS C 140 16.63 -7.35 46.17
C HIS C 140 17.31 -8.72 45.94
N HIS C 141 18.63 -8.74 45.89
CA HIS C 141 19.38 -9.99 45.94
C HIS C 141 19.91 -10.25 47.36
N LYS C 142 19.35 -9.54 48.33
CA LYS C 142 19.84 -9.49 49.73
C LYS C 142 21.37 -9.57 49.90
N LYS C 143 22.05 -8.69 49.17
CA LYS C 143 23.45 -8.45 49.37
C LYS C 143 23.62 -7.12 50.09
N ASN C 144 24.25 -7.16 51.24
CA ASN C 144 24.54 -5.96 52.04
C ASN C 144 25.80 -5.31 51.54
N ILE C 145 25.76 -4.01 51.31
CA ILE C 145 26.96 -3.23 50.94
C ILE C 145 26.90 -1.87 51.59
N SER C 146 28.04 -1.23 51.80
CA SER C 146 28.05 0.07 52.49
C SER C 146 27.72 1.20 51.54
N GLU C 147 27.35 2.35 52.11
CA GLU C 147 27.08 3.55 51.33
C GLU C 147 28.28 3.99 50.47
N ALA C 148 29.48 3.84 50.99
CA ALA C 148 30.68 4.15 50.21
C ALA C 148 30.86 3.19 49.05
N GLU C 149 30.57 1.91 49.28
CA GLU C 149 30.55 0.94 48.20
C GLU C 149 29.48 1.31 47.14
N LEU C 150 28.33 1.78 47.61
CA LEU C 150 27.24 2.16 46.71
C LEU C 150 27.63 3.32 45.79
N GLU C 151 28.41 4.28 46.28
CA GLU C 151 28.80 5.42 45.46
C GLU C 151 29.92 5.10 44.51
N GLU C 152 30.80 4.20 44.89
CA GLU C 152 31.84 3.77 43.96
C GLU C 152 31.21 3.02 42.77
N TYR C 153 30.30 2.10 43.06
CA TYR C 153 29.62 1.36 42.01
C TYR C 153 28.75 2.27 41.11
N THR C 154 28.14 3.31 41.67
CA THR C 154 27.42 4.29 40.87
C THR C 154 28.39 4.93 39.88
N SER C 155 29.46 5.49 40.41
CA SER C 155 30.50 6.09 39.60
C SER C 155 31.05 5.14 38.52
N THR C 156 31.32 3.90 38.89
CA THR C 156 31.83 2.90 37.96
C THR C 156 30.83 2.58 36.85
N MET C 157 29.59 2.33 37.23
CA MET C 157 28.55 1.98 36.28
C MET C 157 28.31 3.13 35.27
N MET C 158 28.21 4.37 35.78
CA MET C 158 28.06 5.53 34.90
C MET C 158 29.25 5.71 33.94
N LYS C 159 30.48 5.41 34.36
CA LYS C 159 31.61 5.48 33.45
C LYS C 159 31.50 4.44 32.34
N ILE C 160 31.02 3.25 32.66
CA ILE C 160 30.93 2.19 31.69
C ILE C 160 29.82 2.47 30.65
N PHE C 161 28.69 2.96 31.12
CA PHE C 161 27.48 2.97 30.28
C PHE C 161 27.06 4.35 29.78
N ASP C 162 27.66 5.43 30.27
CA ASP C 162 27.41 6.77 29.73
C ASP C 162 28.30 6.93 28.49
N LYS C 163 27.79 6.49 27.35
CA LYS C 163 28.56 6.42 26.10
C LYS C 163 29.05 7.82 25.67
N ASN C 164 28.11 8.75 25.51
CA ASN C 164 28.45 10.13 25.13
C ASN C 164 29.03 10.98 26.26
N LYS C 165 29.33 10.40 27.42
CA LYS C 165 30.10 11.07 28.46
C LYS C 165 29.50 12.42 28.85
N ASP C 166 28.17 12.48 28.91
CA ASP C 166 27.45 13.71 29.24
C ASP C 166 26.85 13.69 30.65
N GLY C 167 27.20 12.66 31.43
CA GLY C 167 26.76 12.54 32.82
C GLY C 167 25.39 11.93 33.03
N ARG C 168 24.76 11.43 31.95
CA ARG C 168 23.38 10.89 32.00
C ARG C 168 23.31 9.51 31.35
N LEU C 169 22.51 8.61 31.91
CA LEU C 169 22.11 7.41 31.18
C LEU C 169 20.87 7.71 30.37
N ASP C 170 20.91 7.29 29.13
CA ASP C 170 19.78 7.39 28.24
C ASP C 170 19.02 6.06 28.29
N LEU C 171 17.87 6.03 27.65
CA LEU C 171 17.04 4.84 27.65
C LEU C 171 17.79 3.60 27.15
N ASN C 172 18.53 3.70 26.04
CA ASN C 172 19.26 2.53 25.59
C ASN C 172 20.45 2.13 26.51
N ASP C 173 20.99 3.08 27.26
CA ASP C 173 22.02 2.76 28.22
C ASP C 173 21.46 1.82 29.30
N LEU C 174 20.30 2.15 29.80
CA LEU C 174 19.65 1.28 30.77
C LEU C 174 19.30 -0.05 30.13
N ALA C 175 19.06 -0.05 28.84
CA ALA C 175 18.77 -1.28 28.12
C ALA C 175 19.99 -2.19 28.07
N ARG C 176 21.18 -1.63 27.91
CA ARG C 176 22.40 -2.42 27.90
C ARG C 176 22.67 -2.96 29.31
N ILE C 177 22.46 -2.15 30.34
CA ILE C 177 22.65 -2.58 31.71
C ILE C 177 21.76 -3.79 32.02
N LEU C 178 20.53 -3.79 31.51
CA LEU C 178 19.56 -4.85 31.81
C LEU C 178 19.50 -5.97 30.80
N ALA C 179 20.44 -5.98 29.84
CA ALA C 179 20.48 -6.96 28.76
C ALA C 179 19.11 -7.15 28.10
N LEU C 180 18.49 -6.06 27.74
CA LEU C 180 17.16 -6.15 27.16
C LEU C 180 17.22 -6.94 25.86
N GLN C 181 16.27 -7.85 25.69
CA GLN C 181 16.22 -8.75 24.55
C GLN C 181 15.58 -8.13 23.31
N GLU C 182 15.49 -8.91 22.24
CA GLU C 182 15.02 -8.37 20.99
C GLU C 182 13.56 -7.90 21.00
N ASN C 183 13.25 -7.02 20.05
CA ASN C 183 11.93 -6.47 19.88
C ASN C 183 10.88 -7.59 19.63
N PHE C 184 9.90 -7.68 20.50
CA PHE C 184 8.86 -8.68 20.43
C PHE C 184 8.07 -8.60 19.11
N LEU C 185 7.96 -7.40 18.53
CA LEU C 185 7.15 -7.24 17.36
C LEU C 185 7.81 -7.76 16.08
N LEU C 186 9.12 -7.98 16.11
CA LEU C 186 9.85 -8.43 14.92
C LEU C 186 9.46 -9.82 14.41
N GLN C 187 8.72 -10.61 15.18
CA GLN C 187 8.34 -11.97 14.75
C GLN C 187 7.21 -12.03 13.74
N PHE C 188 6.40 -11.00 13.69
CA PHE C 188 5.21 -11.00 12.94
C PHE C 188 5.49 -10.77 11.44
N LYS C 189 4.78 -11.51 10.59
CA LYS C 189 5.14 -11.68 9.20
C LYS C 189 4.13 -10.96 8.35
N MET C 190 4.66 -10.38 7.29
CA MET C 190 3.89 -9.64 6.32
C MET C 190 2.86 -10.50 5.60
N ASP C 191 3.13 -11.81 5.43
CA ASP C 191 2.21 -12.69 4.70
C ASP C 191 1.15 -13.36 5.54
N ALA C 192 0.97 -12.93 6.79
CA ALA C 192 -0.08 -13.45 7.65
C ALA C 192 -1.29 -12.53 7.54
N SER C 193 -1.82 -12.47 6.32
CA SER C 193 -2.78 -11.45 5.92
C SER C 193 -4.25 -11.80 6.06
N SER C 194 -4.56 -13.03 6.40
CA SER C 194 -5.96 -13.41 6.47
C SER C 194 -6.57 -12.89 7.78
N THR C 195 -7.89 -12.78 7.79
CA THR C 195 -8.61 -12.26 8.92
C THR C 195 -8.35 -13.07 10.17
N GLU C 196 -8.21 -14.39 10.04
CA GLU C 196 -7.91 -15.25 11.18
C GLU C 196 -6.50 -14.99 11.67
N GLU C 197 -5.58 -14.82 10.72
CA GLU C 197 -4.19 -14.61 11.08
C GLU C 197 -3.99 -13.23 11.75
N ARG C 198 -4.64 -12.20 11.21
CA ARG C 198 -4.55 -10.86 11.79
C ARG C 198 -5.08 -10.85 13.22
N LYS C 199 -6.20 -11.53 13.43
CA LYS C 199 -6.78 -11.64 14.76
C LYS C 199 -5.85 -12.41 15.72
N ARG C 200 -5.33 -13.54 15.27
CA ARG C 200 -4.41 -14.32 16.08
C ARG C 200 -3.26 -13.45 16.55
N ASP C 201 -2.66 -12.71 15.63
CA ASP C 201 -1.50 -11.93 15.94
C ASP C 201 -1.88 -10.74 16.80
N PHE C 202 -3.04 -10.12 16.54
CA PHE C 202 -3.48 -8.99 17.35
C PHE C 202 -3.66 -9.39 18.78
N GLU C 203 -4.34 -10.51 18.98
CA GLU C 203 -4.58 -11.06 20.31
C GLU C 203 -3.25 -11.34 21.00
N LYS C 204 -2.28 -11.87 20.28
CA LYS C 204 -1.01 -12.19 20.86
C LYS C 204 -0.26 -10.91 21.27
N ILE C 205 -0.39 -9.87 20.45
CA ILE C 205 0.27 -8.59 20.73
C ILE C 205 -0.39 -7.91 21.90
N PHE C 206 -1.72 -7.84 21.92
CA PHE C 206 -2.37 -7.16 23.04
C PHE C 206 -2.17 -7.91 24.35
N ALA C 207 -2.21 -9.24 24.31
CA ALA C 207 -1.93 -10.04 25.49
C ALA C 207 -0.54 -9.77 26.05
N HIS C 208 0.41 -9.49 25.19
CA HIS C 208 1.80 -9.27 25.60
C HIS C 208 1.95 -7.97 26.39
N TYR C 209 1.50 -6.88 25.80
CA TYR C 209 1.63 -5.56 26.45
C TYR C 209 0.61 -5.31 27.58
N ASP C 210 -0.56 -5.98 27.58
CA ASP C 210 -1.56 -5.78 28.67
C ASP C 210 -1.27 -6.73 29.88
N VAL C 211 -0.11 -6.51 30.50
CA VAL C 211 0.39 -7.43 31.50
C VAL C 211 -0.52 -7.44 32.76
N SER C 212 -1.07 -6.27 33.10
CA SER C 212 -2.07 -6.17 34.14
C SER C 212 -3.45 -6.72 33.77
N LYS C 213 -3.67 -7.10 32.52
CA LYS C 213 -4.91 -7.71 32.05
C LYS C 213 -6.17 -6.91 32.36
N THR C 214 -6.14 -5.61 32.13
CA THR C 214 -7.30 -4.75 32.34
C THR C 214 -8.13 -4.53 31.07
N GLY C 215 -7.74 -5.15 29.96
CA GLY C 215 -8.32 -4.86 28.67
C GLY C 215 -7.86 -3.55 28.03
N ALA C 216 -6.86 -2.89 28.60
CA ALA C 216 -6.35 -1.64 28.03
C ALA C 216 -4.88 -1.49 28.38
N LEU C 217 -4.12 -0.78 27.56
CA LEU C 217 -2.73 -0.47 27.90
C LEU C 217 -2.71 0.81 28.70
N GLU C 218 -2.06 0.77 29.85
CA GLU C 218 -1.80 1.99 30.57
C GLU C 218 -0.39 1.98 31.16
N GLY C 219 0.11 3.19 31.42
CA GLY C 219 1.45 3.40 31.96
C GLY C 219 2.60 2.81 31.16
N PRO C 220 3.41 1.95 31.79
CA PRO C 220 4.51 1.32 31.07
C PRO C 220 4.06 0.36 29.98
N GLU C 221 2.82 -0.04 29.99
CA GLU C 221 2.30 -0.93 28.94
C GLU C 221 2.18 -0.18 27.60
N VAL C 222 1.68 1.08 27.66
CA VAL C 222 1.74 2.00 26.52
C VAL C 222 3.22 2.27 26.12
N ASP C 223 4.06 2.58 27.12
CA ASP C 223 5.47 2.86 26.88
C ASP C 223 6.14 1.71 26.12
N GLY C 224 6.00 0.49 26.61
CA GLY C 224 6.64 -0.62 25.99
C GLY C 224 6.15 -0.93 24.59
N PHE C 225 4.89 -0.64 24.32
CA PHE C 225 4.38 -0.82 22.98
C PHE C 225 4.89 0.31 22.06
N VAL C 226 4.90 1.54 22.53
CA VAL C 226 5.43 2.63 21.73
C VAL C 226 6.90 2.37 21.36
N LYS C 227 7.70 1.93 22.34
CA LYS C 227 9.10 1.69 22.10
C LYS C 227 9.33 0.61 21.03
N ASP C 228 8.67 -0.52 21.19
CA ASP C 228 8.84 -1.66 20.27
C ASP C 228 8.34 -1.32 18.86
N MET C 229 7.27 -0.54 18.77
CA MET C 229 6.69 -0.17 17.47
C MET C 229 7.58 0.80 16.67
N MET C 230 8.07 1.83 17.34
CA MET C 230 8.89 2.83 16.67
C MET C 230 10.22 2.23 16.27
N GLU C 231 10.69 1.27 17.04
CA GLU C 231 11.96 0.66 16.72
C GLU C 231 11.90 -0.38 15.62
N LEU C 232 10.72 -0.68 15.12
CA LEU C 232 10.58 -1.43 13.87
C LEU C 232 11.11 -0.61 12.67
N VAL C 233 11.03 0.75 12.75
CA VAL C 233 11.42 1.58 11.62
C VAL C 233 12.55 2.57 11.83
N GLN C 234 12.95 2.80 13.07
CA GLN C 234 14.08 3.67 13.35
C GLN C 234 14.96 3.13 14.45
N PRO C 235 16.23 3.55 14.51
CA PRO C 235 17.11 3.02 15.54
C PRO C 235 16.67 3.40 16.96
N SER C 236 17.30 2.79 17.95
CA SER C 236 16.89 2.86 19.33
C SER C 236 16.52 4.27 19.76
N ILE C 237 15.30 4.45 20.26
CA ILE C 237 14.80 5.75 20.58
C ILE C 237 15.28 6.18 21.96
N SER C 238 15.39 7.49 22.12
CA SER C 238 15.77 8.08 23.33
C SER C 238 14.58 8.22 24.23
N GLY C 239 14.85 8.59 25.46
CA GLY C 239 13.82 8.79 26.47
C GLY C 239 12.88 9.92 26.20
N VAL C 240 13.40 11.06 25.76
CA VAL C 240 12.48 12.17 25.51
C VAL C 240 11.65 11.91 24.23
N ASP C 241 12.19 11.16 23.29
CA ASP C 241 11.42 10.84 22.09
C ASP C 241 10.36 9.83 22.38
N LEU C 242 10.65 8.86 23.25
CA LEU C 242 9.61 7.96 23.75
C LEU C 242 8.41 8.69 24.35
N ASP C 243 8.65 9.75 25.10
CA ASP C 243 7.50 10.57 25.58
C ASP C 243 6.75 11.25 24.44
N LYS C 244 7.48 11.82 23.49
CA LYS C 244 6.86 12.48 22.36
C LYS C 244 6.00 11.52 21.55
N PHE C 245 6.57 10.37 21.17
CA PHE C 245 5.83 9.40 20.37
C PHE C 245 4.69 8.82 21.18
N ARG C 246 4.82 8.76 22.49
CA ARG C 246 3.74 8.27 23.35
C ARG C 246 2.52 9.16 23.23
N GLU C 247 2.71 10.47 23.27
CA GLU C 247 1.57 11.38 23.22
C GLU C 247 0.98 11.45 21.80
N ILE C 248 1.83 11.37 20.78
CA ILE C 248 1.35 11.31 19.39
C ILE C 248 0.45 10.07 19.18
N LEU C 249 0.88 8.92 19.66
CA LEU C 249 0.07 7.71 19.57
C LEU C 249 -1.28 7.93 20.24
N LEU C 250 -1.28 8.46 21.47
CA LEU C 250 -2.55 8.73 22.17
C LEU C 250 -3.41 9.75 21.43
N ARG C 251 -2.84 10.83 20.94
CA ARG C 251 -3.59 11.81 20.13
C ARG C 251 -4.15 11.17 18.85
N HIS C 252 -3.48 10.12 18.33
CA HIS C 252 -3.96 9.40 17.15
C HIS C 252 -5.11 8.46 17.46
N CYS C 253 -5.03 7.67 18.54
CA CYS C 253 -5.99 6.58 18.71
C CYS C 253 -6.80 6.57 19.99
N ASP C 254 -6.64 7.59 20.86
CA ASP C 254 -7.31 7.55 22.17
C ASP C 254 -8.71 8.11 22.06
N VAL C 255 -9.60 7.32 21.49
CA VAL C 255 -10.96 7.78 21.14
C VAL C 255 -11.75 8.38 22.35
N ASN C 256 -11.74 7.72 23.51
CA ASN C 256 -12.49 8.20 24.69
C ASN C 256 -11.69 9.16 25.56
N LYS C 257 -10.49 9.55 25.11
CA LYS C 257 -9.70 10.61 25.76
C LYS C 257 -9.26 10.28 27.17
N ASP C 258 -9.21 9.01 27.54
CA ASP C 258 -8.95 8.64 28.93
C ASP C 258 -7.45 8.42 29.25
N GLY C 259 -6.59 8.67 28.26
CA GLY C 259 -5.14 8.44 28.40
C GLY C 259 -4.70 6.98 28.40
N LYS C 260 -5.64 6.06 28.25
CA LYS C 260 -5.31 4.63 28.10
C LYS C 260 -5.71 4.17 26.70
N ILE C 261 -5.10 3.09 26.24
CA ILE C 261 -5.39 2.53 24.92
C ILE C 261 -6.17 1.23 25.10
N GLN C 262 -7.50 1.34 24.96
CA GLN C 262 -8.36 0.18 25.05
C GLN C 262 -8.03 -0.77 23.92
N LYS C 263 -8.16 -2.07 24.18
CA LYS C 263 -8.02 -3.10 23.15
C LYS C 263 -8.75 -2.71 21.88
N SER C 264 -9.95 -2.15 22.01
CA SER C 264 -10.76 -1.75 20.87
C SER C 264 -10.15 -0.54 20.12
N GLU C 265 -9.52 0.38 20.84
CA GLU C 265 -8.92 1.51 20.17
C GLU C 265 -7.73 1.06 19.32
N LEU C 266 -6.92 0.15 19.86
CA LEU C 266 -5.74 -0.35 19.18
C LEU C 266 -6.13 -1.17 17.95
N ALA C 267 -7.15 -2.01 18.10
CA ALA C 267 -7.65 -2.81 16.97
C ALA C 267 -8.08 -1.92 15.82
N LEU C 268 -8.82 -0.86 16.11
CA LEU C 268 -9.31 0.02 15.04
C LEU C 268 -8.14 0.64 14.29
N CYS C 269 -7.13 1.14 15.01
CA CYS C 269 -6.06 1.76 14.30
C CYS C 269 -5.04 0.81 13.72
N LEU C 270 -5.14 -0.48 13.97
CA LEU C 270 -4.34 -1.45 13.25
C LEU C 270 -5.17 -2.18 12.22
N GLY C 271 -6.33 -1.63 11.92
CA GLY C 271 -7.22 -2.15 10.92
C GLY C 271 -7.92 -3.47 11.20
N LEU C 272 -8.27 -3.74 12.45
CA LEU C 272 -8.93 -4.99 12.72
C LEU C 272 -10.43 -4.97 12.43
N LYS C 273 -10.75 -5.77 11.41
CA LYS C 273 -12.08 -5.96 10.80
C LYS C 273 -13.20 -5.88 11.77
N ILE C 274 -13.08 -6.67 12.82
CA ILE C 274 -14.06 -6.67 13.82
C ILE C 274 -13.39 -6.05 15.03
N ASN C 275 -14.11 -5.15 15.65
CA ASN C 275 -13.75 -4.63 16.90
C ASN C 275 -14.05 -5.71 17.96
N LEU D 12 -52.30 5.43 -25.32
CA LEU D 12 -50.92 5.61 -24.79
C LEU D 12 -50.92 6.11 -23.33
N ASP D 13 -50.75 5.17 -22.40
CA ASP D 13 -50.35 5.50 -21.02
C ASP D 13 -48.82 5.69 -20.95
N ALA D 14 -48.35 6.23 -19.84
CA ALA D 14 -46.92 6.48 -19.66
C ALA D 14 -46.09 5.18 -19.80
N ALA D 15 -46.60 4.06 -19.28
CA ALA D 15 -45.89 2.79 -19.32
C ALA D 15 -45.64 2.35 -20.74
N CYS D 16 -46.66 2.45 -21.59
CA CYS D 16 -46.54 2.05 -23.01
C CYS D 16 -45.56 2.93 -23.73
N PHE D 17 -45.62 4.22 -23.44
CA PHE D 17 -44.73 5.20 -24.03
C PHE D 17 -43.29 4.91 -23.58
N TRP D 18 -43.09 4.78 -22.27
CA TRP D 18 -41.78 4.43 -21.72
C TRP D 18 -41.18 3.19 -22.40
N GLN D 19 -42.01 2.17 -22.59
CA GLN D 19 -41.56 0.89 -23.13
C GLN D 19 -41.06 1.07 -24.58
N ILE D 20 -41.75 1.92 -25.35
CA ILE D 20 -41.33 2.23 -26.71
C ILE D 20 -40.02 3.01 -26.65
N TRP D 21 -40.00 4.02 -25.77
CA TRP D 21 -38.84 4.91 -25.68
C TRP D 21 -37.56 4.15 -25.26
N GLN D 22 -37.72 3.28 -24.26
CA GLN D 22 -36.62 2.45 -23.74
C GLN D 22 -36.00 1.53 -24.83
N ARG D 23 -36.73 1.21 -25.91
CA ARG D 23 -36.12 0.48 -27.05
C ARG D 23 -35.04 1.28 -27.77
N PHE D 24 -35.12 2.62 -27.69
CA PHE D 24 -34.12 3.50 -28.30
C PHE D 24 -33.12 4.04 -27.27
N ASP D 25 -33.63 4.53 -26.12
CA ASP D 25 -32.79 5.01 -25.04
C ASP D 25 -32.49 3.85 -24.10
N LYS D 26 -31.60 2.98 -24.56
CA LYS D 26 -31.33 1.73 -23.86
C LYS D 26 -30.44 1.95 -22.61
N GLU D 27 -29.70 3.06 -22.57
CA GLU D 27 -28.78 3.35 -21.46
C GLU D 27 -29.31 4.47 -20.56
N GLU D 28 -30.62 4.74 -20.62
CA GLU D 28 -31.27 5.78 -19.81
C GLU D 28 -30.46 7.07 -19.80
N LYS D 29 -30.11 7.52 -21.00
CA LYS D 29 -29.54 8.83 -21.21
C LYS D 29 -30.60 9.92 -20.99
N GLY D 30 -31.89 9.55 -21.00
CA GLY D 30 -32.98 10.53 -21.01
C GLY D 30 -33.11 11.34 -22.31
N TYR D 31 -32.60 10.82 -23.43
CA TYR D 31 -32.83 11.40 -24.73
C TYR D 31 -32.70 10.32 -25.83
N ILE D 32 -33.22 10.63 -27.00
CA ILE D 32 -32.95 9.82 -28.20
C ILE D 32 -32.33 10.73 -29.27
N ARG D 33 -31.88 10.10 -30.34
CA ARG D 33 -30.79 10.65 -31.15
C ARG D 33 -31.20 11.63 -32.27
N GLU D 34 -32.47 11.70 -32.65
CA GLU D 34 -32.91 12.52 -33.80
C GLU D 34 -33.05 11.62 -35.01
N THR D 35 -32.12 10.69 -35.18
CA THR D 35 -32.23 9.64 -36.20
C THR D 35 -33.29 8.63 -35.80
N GLU D 36 -33.30 8.33 -34.52
CA GLU D 36 -34.23 7.39 -33.95
C GLU D 36 -35.66 7.97 -33.93
N LEU D 37 -35.82 9.28 -34.24
CA LEU D 37 -37.11 9.98 -34.06
C LEU D 37 -38.23 9.43 -34.93
N ASP D 38 -37.95 9.29 -36.22
CA ASP D 38 -38.93 8.76 -37.15
C ASP D 38 -39.38 7.37 -36.72
N ALA D 39 -38.44 6.46 -36.49
CA ALA D 39 -38.78 5.09 -36.08
C ALA D 39 -39.47 5.06 -34.72
N PHE D 40 -39.25 6.05 -33.87
CA PHE D 40 -39.99 6.18 -32.62
C PHE D 40 -41.46 6.49 -32.92
N PHE D 41 -41.69 7.41 -33.85
CA PHE D 41 -43.05 7.72 -34.30
C PHE D 41 -43.74 6.50 -34.93
N ASP D 42 -42.98 5.70 -35.66
CA ASP D 42 -43.55 4.50 -36.28
C ASP D 42 -44.05 3.50 -35.25
N HIS D 43 -43.23 3.24 -34.22
CA HIS D 43 -43.67 2.43 -33.07
C HIS D 43 -44.90 3.02 -32.43
N LEU D 44 -44.93 4.33 -32.27
CA LEU D 44 -46.10 4.97 -31.65
C LEU D 44 -47.40 4.85 -32.46
N LEU D 45 -47.27 4.88 -33.78
CA LEU D 45 -48.39 4.67 -34.71
C LEU D 45 -48.72 3.20 -34.97
N ALA D 46 -48.35 2.32 -34.03
CA ALA D 46 -48.70 0.90 -34.07
C ALA D 46 -49.08 0.50 -32.64
N GLU D 56 -56.20 10.59 -30.90
CA GLU D 56 -55.69 10.03 -32.15
C GLU D 56 -54.22 10.37 -32.35
N GLU D 57 -53.39 9.36 -32.56
CA GLU D 57 -51.97 9.59 -32.83
C GLU D 57 -51.69 10.70 -33.84
N ASN D 58 -52.71 11.16 -34.54
CA ASN D 58 -52.62 12.29 -35.45
C ASN D 58 -52.00 13.54 -34.83
N VAL D 59 -51.93 13.56 -33.51
CA VAL D 59 -51.31 14.63 -32.78
C VAL D 59 -49.81 14.47 -32.96
N GLN D 60 -49.44 13.26 -33.32
CA GLN D 60 -48.09 12.93 -33.69
C GLN D 60 -47.62 13.88 -34.78
N LYS D 61 -48.46 13.97 -35.79
CA LYS D 61 -48.09 14.83 -36.89
C LYS D 61 -47.88 16.24 -36.42
N VAL D 62 -48.81 16.75 -35.62
CA VAL D 62 -48.71 18.07 -35.02
C VAL D 62 -47.44 18.24 -34.22
N LYS D 63 -47.08 17.16 -33.52
CA LYS D 63 -45.90 17.16 -32.69
C LYS D 63 -44.65 17.33 -33.52
N GLU D 64 -44.52 16.61 -34.61
CA GLU D 64 -43.28 16.68 -35.40
C GLU D 64 -43.03 18.12 -35.78
N GLN D 65 -44.11 18.72 -36.24
CA GLN D 65 -44.12 20.05 -36.72
C GLN D 65 -43.72 21.01 -35.62
N LEU D 66 -44.19 20.70 -34.42
CA LEU D 66 -43.99 21.56 -33.27
C LEU D 66 -42.54 21.95 -33.02
N MET D 67 -41.62 20.99 -33.02
CA MET D 67 -40.23 21.35 -32.91
C MET D 67 -39.34 20.79 -33.98
N THR D 68 -39.94 20.27 -35.04
CA THR D 68 -39.15 19.97 -36.23
C THR D 68 -38.68 21.33 -36.66
N SER D 69 -39.50 22.33 -36.36
CA SER D 69 -39.07 23.69 -36.56
C SER D 69 -38.29 24.15 -35.32
N GLY D 76 -28.21 18.25 -30.67
CA GLY D 76 -28.60 17.18 -31.60
C GLY D 76 -29.50 16.09 -31.03
N ARG D 77 -29.95 16.25 -29.79
CA ARG D 77 -30.76 15.22 -29.16
C ARG D 77 -32.15 15.69 -28.86
N ILE D 78 -32.96 14.75 -28.39
CA ILE D 78 -34.36 14.98 -28.19
C ILE D 78 -34.69 14.50 -26.79
N LEU D 79 -34.91 15.41 -25.87
CA LEU D 79 -35.13 15.04 -24.47
C LEU D 79 -36.51 14.47 -24.25
N MET D 80 -36.61 13.60 -23.28
CA MET D 80 -37.86 12.91 -23.04
C MET D 80 -39.00 13.85 -22.69
N LYS D 81 -38.71 14.91 -21.93
CA LYS D 81 -39.75 15.86 -21.55
C LYS D 81 -40.40 16.49 -22.78
N GLU D 82 -39.62 16.73 -23.82
CA GLU D 82 -40.15 17.34 -25.05
C GLU D 82 -41.30 16.50 -25.63
N LEU D 83 -41.00 15.28 -26.05
CA LEU D 83 -42.02 14.38 -26.61
C LEU D 83 -43.11 14.03 -25.58
N ALA D 84 -42.70 13.70 -24.35
CA ALA D 84 -43.68 13.34 -23.32
C ALA D 84 -44.67 14.49 -23.01
N SER D 85 -44.20 15.74 -23.06
CA SER D 85 -45.09 16.91 -22.88
C SER D 85 -46.32 16.84 -23.76
N MET D 86 -46.19 16.22 -24.94
CA MET D 86 -47.24 16.23 -25.96
C MET D 86 -48.15 15.01 -25.91
N PHE D 87 -47.78 13.95 -25.19
CA PHE D 87 -48.50 12.68 -25.24
C PHE D 87 -49.08 12.23 -23.91
N LEU D 88 -48.38 12.48 -22.80
CA LEU D 88 -48.84 11.98 -21.50
C LEU D 88 -49.65 13.04 -20.78
N SER D 89 -50.36 12.65 -19.73
CA SER D 89 -51.14 13.60 -18.93
C SER D 89 -50.23 14.52 -18.12
N GLU D 90 -50.83 15.56 -17.56
CA GLU D 90 -50.08 16.49 -16.73
C GLU D 90 -49.56 15.81 -15.44
N ASP D 91 -50.32 14.88 -14.88
CA ASP D 91 -49.89 14.08 -13.72
C ASP D 91 -48.73 13.15 -14.11
N GLU D 92 -48.81 12.55 -15.28
CA GLU D 92 -47.79 11.61 -15.71
C GLU D 92 -46.46 12.33 -15.96
N ASN D 93 -46.52 13.53 -16.52
CA ASN D 93 -45.33 14.35 -16.67
C ASN D 93 -44.76 14.67 -15.31
N PHE D 94 -45.63 14.93 -14.36
CA PHE D 94 -45.18 15.19 -13.00
C PHE D 94 -44.40 13.98 -12.43
N LEU D 95 -44.99 12.79 -12.51
CA LEU D 95 -44.31 11.58 -12.05
C LEU D 95 -42.94 11.35 -12.70
N LEU D 96 -42.84 11.59 -14.00
CA LEU D 96 -41.60 11.34 -14.73
C LEU D 96 -40.51 12.40 -14.56
N PHE D 97 -40.84 13.60 -14.11
CA PHE D 97 -39.86 14.71 -14.11
C PHE D 97 -39.84 15.60 -12.86
N PHE D 98 -40.53 15.23 -11.81
CA PHE D 98 -40.61 16.09 -10.63
C PHE D 98 -39.30 16.26 -9.83
N ARG D 99 -38.24 15.53 -10.17
CA ARG D 99 -36.95 15.76 -9.52
C ARG D 99 -35.80 15.98 -10.46
N LEU D 100 -36.06 15.87 -11.75
CA LEU D 100 -35.12 16.33 -12.73
C LEU D 100 -35.10 17.84 -12.73
N GLU D 101 -36.10 18.44 -12.12
CA GLU D 101 -36.17 19.88 -12.03
C GLU D 101 -35.52 20.29 -10.72
N THR D 102 -35.98 19.70 -9.61
CA THR D 102 -35.47 20.00 -8.26
C THR D 102 -34.88 18.74 -7.58
N PRO D 103 -33.56 18.51 -7.74
CA PRO D 103 -32.92 17.27 -7.25
C PRO D 103 -32.91 17.14 -5.71
N LEU D 104 -32.39 16.03 -5.21
CA LEU D 104 -32.31 15.85 -3.76
C LEU D 104 -31.21 16.77 -3.17
N ASP D 105 -31.30 17.06 -1.89
CA ASP D 105 -30.17 17.63 -1.15
C ASP D 105 -28.88 16.81 -1.38
N ASN D 106 -28.95 15.48 -1.20
CA ASN D 106 -27.78 14.58 -1.10
C ASN D 106 -28.18 13.10 -0.77
N SER D 107 -27.22 12.22 -0.61
CA SER D 107 -27.52 10.82 -0.37
C SER D 107 -28.16 10.54 1.00
N VAL D 108 -28.01 11.41 1.97
CA VAL D 108 -28.70 11.25 3.27
C VAL D 108 -30.22 11.45 3.12
N GLU D 109 -30.64 12.50 2.42
CA GLU D 109 -32.08 12.70 2.19
C GLU D 109 -32.67 11.52 1.44
N PHE D 110 -31.91 11.00 0.47
CA PHE D 110 -32.33 9.80 -0.26
C PHE D 110 -32.62 8.64 0.66
N MET D 111 -31.73 8.34 1.61
CA MET D 111 -31.94 7.16 2.47
C MET D 111 -33.05 7.38 3.47
N GLN D 112 -33.23 8.62 3.87
CA GLN D 112 -34.34 9.03 4.70
C GLN D 112 -35.67 8.66 4.04
N ILE D 113 -35.77 8.89 2.74
CA ILE D 113 -37.00 8.55 2.01
C ILE D 113 -37.12 7.03 1.91
N TRP D 114 -36.04 6.38 1.50
CA TRP D 114 -36.00 4.95 1.47
C TRP D 114 -36.43 4.32 2.79
N ARG D 115 -35.89 4.79 3.89
CA ARG D 115 -36.22 4.21 5.20
C ARG D 115 -37.66 4.40 5.58
N LYS D 116 -38.19 5.57 5.27
CA LYS D 116 -39.57 5.91 5.58
C LYS D 116 -40.58 5.01 4.87
N TYR D 117 -40.35 4.72 3.59
CA TYR D 117 -41.32 4.02 2.74
C TYR D 117 -41.11 2.51 2.65
N ASP D 118 -39.91 2.02 2.89
CA ASP D 118 -39.71 0.59 3.14
C ASP D 118 -40.09 0.34 4.60
N ALA D 119 -41.37 0.56 4.91
CA ALA D 119 -41.82 0.64 6.30
C ALA D 119 -41.61 -0.65 7.06
N ASP D 120 -41.72 -1.80 6.41
CA ASP D 120 -41.39 -3.10 7.05
C ASP D 120 -39.89 -3.44 7.06
N SER D 121 -39.02 -2.49 6.70
CA SER D 121 -37.59 -2.77 6.46
C SER D 121 -37.31 -4.08 5.72
N SER D 122 -38.01 -4.33 4.63
CA SER D 122 -37.83 -5.54 3.85
C SER D 122 -36.51 -5.54 3.08
N GLY D 123 -36.02 -4.34 2.75
CA GLY D 123 -34.97 -4.16 1.76
C GLY D 123 -35.49 -4.00 0.35
N PHE D 124 -36.82 -3.91 0.23
CA PHE D 124 -37.50 -3.78 -1.06
C PHE D 124 -38.74 -2.92 -0.84
N ILE D 125 -39.02 -2.03 -1.80
CA ILE D 125 -40.24 -1.30 -1.82
C ILE D 125 -41.32 -2.02 -2.66
N SER D 126 -42.43 -2.35 -2.01
CA SER D 126 -43.59 -2.98 -2.65
C SER D 126 -44.59 -1.93 -3.14
N ALA D 127 -45.55 -2.39 -3.92
CA ALA D 127 -46.60 -1.53 -4.46
C ALA D 127 -47.39 -0.79 -3.38
N ALA D 128 -47.82 -1.51 -2.37
CA ALA D 128 -48.49 -0.90 -1.22
C ALA D 128 -47.60 0.20 -0.62
N GLU D 129 -46.29 -0.05 -0.56
CA GLU D 129 -45.36 0.97 -0.03
C GLU D 129 -45.16 2.12 -1.03
N LEU D 130 -45.02 1.80 -2.32
CA LEU D 130 -44.81 2.83 -3.36
C LEU D 130 -46.01 3.77 -3.46
N CYS D 131 -47.21 3.21 -3.31
CA CYS D 131 -48.47 3.96 -3.29
C CYS D 131 -48.50 5.01 -2.20
N ASN D 132 -48.05 4.65 -1.01
CA ASN D 132 -47.89 5.61 0.06
C ASN D 132 -46.92 6.72 -0.34
N PHE D 133 -45.79 6.35 -0.95
CA PHE D 133 -44.85 7.38 -1.43
C PHE D 133 -45.56 8.35 -2.40
N LEU D 134 -46.35 7.84 -3.33
CA LEU D 134 -47.03 8.68 -4.34
C LEU D 134 -48.12 9.50 -3.70
N ARG D 135 -48.90 8.91 -2.80
CA ARG D 135 -49.91 9.65 -2.08
C ARG D 135 -49.32 10.83 -1.34
N ASP D 136 -48.28 10.60 -0.54
CA ASP D 136 -47.60 11.67 0.20
C ASP D 136 -47.05 12.70 -0.78
N LEU D 137 -46.46 12.26 -1.88
CA LEU D 137 -45.85 13.16 -2.85
C LEU D 137 -46.86 14.10 -3.50
N PHE D 138 -48.01 13.56 -3.87
CA PHE D 138 -49.04 14.38 -4.47
C PHE D 138 -49.54 15.40 -3.48
N LEU D 139 -49.90 14.93 -2.30
CA LEU D 139 -50.37 15.80 -1.25
C LEU D 139 -49.42 16.97 -1.04
N HIS D 140 -48.18 16.66 -0.75
CA HIS D 140 -47.23 17.72 -0.44
C HIS D 140 -46.89 18.62 -1.61
N HIS D 141 -47.15 18.18 -2.83
CA HIS D 141 -47.01 19.08 -3.96
C HIS D 141 -48.31 19.82 -4.17
N LYS D 142 -49.30 19.60 -3.30
CA LYS D 142 -50.58 20.28 -3.39
C LYS D 142 -51.39 19.87 -4.61
N LYS D 143 -51.35 18.60 -4.92
CA LYS D 143 -52.08 18.09 -6.07
C LYS D 143 -53.14 17.12 -5.57
N ASN D 144 -54.35 17.32 -6.08
CA ASN D 144 -55.49 16.49 -5.71
C ASN D 144 -55.61 15.34 -6.70
N ILE D 145 -55.72 14.12 -6.20
CA ILE D 145 -56.01 12.96 -7.05
C ILE D 145 -56.85 11.95 -6.29
N SER D 146 -57.68 11.23 -7.04
CA SER D 146 -58.56 10.20 -6.48
C SER D 146 -57.80 8.92 -6.18
N GLU D 147 -58.33 8.14 -5.25
CA GLU D 147 -57.74 6.86 -4.88
C GLU D 147 -57.61 5.90 -6.07
N ALA D 148 -58.52 5.99 -7.03
CA ALA D 148 -58.40 5.17 -8.24
C ALA D 148 -57.23 5.66 -9.13
N GLU D 149 -57.05 6.98 -9.22
CA GLU D 149 -55.88 7.57 -9.89
C GLU D 149 -54.57 7.11 -9.24
N LEU D 150 -54.52 7.17 -7.93
CA LEU D 150 -53.36 6.78 -7.17
C LEU D 150 -52.94 5.30 -7.43
N GLU D 151 -53.90 4.42 -7.65
CA GLU D 151 -53.57 3.03 -7.93
C GLU D 151 -53.12 2.84 -9.34
N GLU D 152 -53.71 3.55 -10.28
CA GLU D 152 -53.21 3.55 -11.66
C GLU D 152 -51.77 4.05 -11.70
N TYR D 153 -51.47 5.10 -10.94
CA TYR D 153 -50.11 5.65 -10.93
C TYR D 153 -49.10 4.70 -10.28
N THR D 154 -49.47 4.17 -9.13
CA THR D 154 -48.76 3.10 -8.48
C THR D 154 -48.42 1.99 -9.46
N SER D 155 -49.43 1.52 -10.18
CA SER D 155 -49.24 0.44 -11.13
C SER D 155 -48.35 0.86 -12.31
N THR D 156 -48.58 2.08 -12.83
CA THR D 156 -47.79 2.61 -13.95
C THR D 156 -46.31 2.77 -13.56
N MET D 157 -46.08 3.37 -12.39
CA MET D 157 -44.73 3.60 -11.91
C MET D 157 -44.00 2.31 -11.68
N MET D 158 -44.70 1.31 -11.16
CA MET D 158 -44.10 0.00 -10.97
C MET D 158 -43.70 -0.63 -12.30
N LYS D 159 -44.55 -0.49 -13.31
CA LYS D 159 -44.29 -1.05 -14.64
C LYS D 159 -43.05 -0.45 -15.22
N ILE D 160 -42.85 0.83 -14.99
CA ILE D 160 -41.71 1.49 -15.61
C ILE D 160 -40.38 1.11 -14.94
N PHE D 161 -40.38 1.09 -13.61
CA PHE D 161 -39.14 1.08 -12.81
C PHE D 161 -38.76 -0.31 -12.22
N ASP D 162 -39.68 -1.27 -12.20
CA ASP D 162 -39.38 -2.64 -11.72
C ASP D 162 -38.67 -3.43 -12.85
N LYS D 163 -37.37 -3.18 -12.97
CA LYS D 163 -36.54 -3.74 -14.03
C LYS D 163 -36.69 -5.25 -14.19
N ASN D 164 -36.35 -6.00 -13.14
CA ASN D 164 -36.39 -7.45 -13.21
C ASN D 164 -37.80 -8.03 -13.09
N LYS D 165 -38.82 -7.19 -13.14
CA LYS D 165 -40.22 -7.62 -13.18
C LYS D 165 -40.53 -8.63 -12.06
N ASP D 166 -39.94 -8.39 -10.89
CA ASP D 166 -40.14 -9.25 -9.73
C ASP D 166 -41.25 -8.74 -8.84
N GLY D 167 -41.88 -7.62 -9.21
CA GLY D 167 -42.99 -7.00 -8.44
C GLY D 167 -42.54 -6.09 -7.29
N ARG D 168 -41.26 -5.71 -7.28
CA ARG D 168 -40.73 -4.87 -6.23
C ARG D 168 -39.67 -3.92 -6.75
N LEU D 169 -39.47 -2.84 -6.01
CA LEU D 169 -38.50 -1.82 -6.37
C LEU D 169 -37.32 -1.92 -5.48
N ASP D 170 -36.14 -1.96 -6.09
CA ASP D 170 -34.91 -2.04 -5.35
C ASP D 170 -34.42 -0.65 -5.10
N LEU D 171 -33.35 -0.53 -4.32
CA LEU D 171 -32.81 0.76 -3.90
C LEU D 171 -32.40 1.62 -5.09
N ASN D 172 -31.77 1.01 -6.09
CA ASN D 172 -31.43 1.77 -7.27
C ASN D 172 -32.66 2.23 -8.07
N ASP D 173 -33.76 1.46 -8.03
CA ASP D 173 -34.99 1.89 -8.71
C ASP D 173 -35.52 3.19 -8.10
N LEU D 174 -35.56 3.26 -6.79
CA LEU D 174 -35.97 4.49 -6.17
C LEU D 174 -34.99 5.63 -6.43
N ALA D 175 -33.72 5.32 -6.62
CA ALA D 175 -32.72 6.34 -6.96
C ALA D 175 -33.01 6.92 -8.33
N ARG D 176 -33.56 6.11 -9.22
CA ARG D 176 -33.89 6.56 -10.57
C ARG D 176 -35.19 7.34 -10.64
N ILE D 177 -36.17 6.98 -9.84
CA ILE D 177 -37.36 7.78 -9.67
C ILE D 177 -37.01 9.13 -9.12
N LEU D 178 -36.02 9.18 -8.22
CA LEU D 178 -35.67 10.42 -7.54
C LEU D 178 -34.58 11.21 -8.23
N ALA D 179 -34.02 10.67 -9.32
CA ALA D 179 -32.94 11.31 -10.09
C ALA D 179 -31.72 11.58 -9.20
N LEU D 180 -31.31 10.55 -8.47
CA LEU D 180 -30.25 10.68 -7.50
C LEU D 180 -28.96 11.03 -8.26
N GLN D 181 -28.24 12.00 -7.71
CA GLN D 181 -27.11 12.61 -8.37
C GLN D 181 -25.84 11.77 -8.11
N GLU D 182 -24.68 12.32 -8.43
CA GLU D 182 -23.44 11.55 -8.50
C GLU D 182 -22.92 11.30 -7.07
N ASN D 183 -22.14 10.23 -6.94
CA ASN D 183 -21.49 9.90 -5.69
C ASN D 183 -20.54 11.01 -5.22
N PHE D 184 -20.92 11.67 -4.13
CA PHE D 184 -20.16 12.73 -3.50
C PHE D 184 -18.70 12.34 -3.25
N LEU D 185 -18.43 11.08 -2.93
CA LEU D 185 -17.07 10.68 -2.60
C LEU D 185 -16.09 10.64 -3.77
N LEU D 186 -16.59 10.51 -5.01
CA LEU D 186 -15.74 10.46 -6.21
C LEU D 186 -14.83 11.68 -6.42
N GLN D 187 -15.16 12.82 -5.83
CA GLN D 187 -14.34 14.02 -6.06
C GLN D 187 -12.98 14.02 -5.37
N PHE D 188 -12.75 13.14 -4.39
CA PHE D 188 -11.54 13.26 -3.60
C PHE D 188 -10.40 12.49 -4.25
N LYS D 189 -9.18 12.98 -4.13
CA LYS D 189 -8.07 12.44 -4.98
C LYS D 189 -7.00 11.69 -4.21
N MET D 190 -6.38 10.73 -4.89
CA MET D 190 -5.33 9.89 -4.32
C MET D 190 -4.13 10.71 -3.86
N ASP D 191 -3.69 11.68 -4.65
CA ASP D 191 -2.63 12.58 -4.13
C ASP D 191 -3.36 13.44 -3.12
N ALA D 192 -2.85 14.56 -2.67
CA ALA D 192 -3.56 15.19 -1.53
C ALA D 192 -3.43 14.32 -0.28
N SER D 193 -2.22 13.83 -0.10
CA SER D 193 -1.86 13.02 1.02
C SER D 193 -1.37 13.85 2.21
N SER D 194 -1.25 15.16 2.05
CA SER D 194 -0.70 15.97 3.12
C SER D 194 -1.63 15.92 4.31
N THR D 195 -1.07 16.04 5.50
CA THR D 195 -1.83 15.97 6.70
C THR D 195 -2.91 17.02 6.67
N GLU D 196 -2.55 18.22 6.24
CA GLU D 196 -3.54 19.25 6.08
C GLU D 196 -4.63 18.87 5.05
N GLU D 197 -4.26 18.24 3.96
CA GLU D 197 -5.26 17.88 2.92
C GLU D 197 -6.23 16.80 3.38
N ARG D 198 -5.70 15.78 4.04
CA ARG D 198 -6.52 14.73 4.54
C ARG D 198 -7.52 15.26 5.56
N LYS D 199 -7.09 16.19 6.40
CA LYS D 199 -7.95 16.78 7.39
C LYS D 199 -9.01 17.66 6.77
N ARG D 200 -8.64 18.45 5.75
CA ARG D 200 -9.65 19.25 5.07
C ARG D 200 -10.69 18.34 4.42
N ASP D 201 -10.23 17.26 3.82
CA ASP D 201 -11.13 16.32 3.17
C ASP D 201 -11.95 15.50 4.17
N PHE D 202 -11.37 15.06 5.27
CA PHE D 202 -12.18 14.41 6.33
C PHE D 202 -13.32 15.29 6.79
N GLU D 203 -13.00 16.53 7.10
CA GLU D 203 -13.97 17.48 7.68
C GLU D 203 -15.08 17.79 6.68
N LYS D 204 -14.75 17.90 5.39
CA LYS D 204 -15.78 18.13 4.37
C LYS D 204 -16.71 16.87 4.26
N ILE D 205 -16.13 15.69 4.31
CA ILE D 205 -16.89 14.46 4.21
C ILE D 205 -17.76 14.37 5.42
N PHE D 206 -17.20 14.53 6.60
CA PHE D 206 -18.03 14.41 7.79
C PHE D 206 -19.16 15.41 7.85
N ALA D 207 -18.91 16.66 7.50
CA ALA D 207 -19.93 17.70 7.51
C ALA D 207 -21.03 17.41 6.50
N HIS D 208 -20.68 16.79 5.38
CA HIS D 208 -21.67 16.43 4.38
C HIS D 208 -22.66 15.39 4.91
N TYR D 209 -22.19 14.32 5.53
CA TYR D 209 -23.10 13.25 5.99
C TYR D 209 -23.78 13.61 7.31
N ASP D 210 -23.13 14.41 8.15
CA ASP D 210 -23.69 14.90 9.44
C ASP D 210 -24.63 16.07 9.17
N VAL D 211 -25.74 15.77 8.53
CA VAL D 211 -26.71 16.79 8.19
C VAL D 211 -27.31 17.40 9.44
N SER D 212 -27.55 16.57 10.46
CA SER D 212 -28.14 17.07 11.72
C SER D 212 -27.13 17.79 12.62
N LYS D 213 -25.85 17.81 12.24
CA LYS D 213 -24.82 18.59 12.96
C LYS D 213 -24.71 18.20 14.44
N THR D 214 -24.62 16.91 14.72
CA THR D 214 -24.59 16.41 16.11
C THR D 214 -23.20 16.01 16.56
N GLY D 215 -22.27 15.87 15.64
CA GLY D 215 -20.98 15.24 15.93
C GLY D 215 -20.94 13.74 15.69
N ALA D 216 -22.04 13.17 15.16
CA ALA D 216 -22.11 11.76 14.89
C ALA D 216 -22.98 11.51 13.68
N LEU D 217 -22.75 10.40 12.98
CA LEU D 217 -23.67 9.94 11.94
C LEU D 217 -24.69 9.03 12.58
N GLU D 218 -25.97 9.39 12.49
CA GLU D 218 -27.01 8.48 12.94
C GLU D 218 -28.05 8.22 11.89
N GLY D 219 -28.61 7.00 11.94
CA GLY D 219 -29.63 6.54 11.00
C GLY D 219 -29.26 6.71 9.53
N PRO D 220 -30.03 7.52 8.76
CA PRO D 220 -29.77 7.63 7.34
C PRO D 220 -28.48 8.33 7.01
N GLU D 221 -27.85 8.98 7.97
CA GLU D 221 -26.54 9.58 7.74
C GLU D 221 -25.53 8.47 7.58
N VAL D 222 -25.60 7.45 8.44
CA VAL D 222 -24.84 6.21 8.27
C VAL D 222 -25.15 5.58 6.91
N ASP D 223 -26.44 5.40 6.63
CA ASP D 223 -26.88 4.75 5.39
C ASP D 223 -26.28 5.42 4.18
N GLY D 224 -26.40 6.75 4.13
CA GLY D 224 -25.89 7.49 2.99
C GLY D 224 -24.39 7.35 2.82
N PHE D 225 -23.65 7.29 3.93
CA PHE D 225 -22.21 7.19 3.82
C PHE D 225 -21.84 5.77 3.36
N VAL D 226 -22.48 4.75 3.91
CA VAL D 226 -22.24 3.36 3.54
C VAL D 226 -22.45 3.17 2.04
N LYS D 227 -23.57 3.68 1.55
CA LYS D 227 -23.92 3.54 0.15
C LYS D 227 -22.84 4.16 -0.73
N ASP D 228 -22.49 5.40 -0.45
CA ASP D 228 -21.51 6.12 -1.27
C ASP D 228 -20.12 5.47 -1.22
N MET D 229 -19.74 4.98 -0.05
CA MET D 229 -18.45 4.35 0.11
C MET D 229 -18.40 3.03 -0.63
N MET D 230 -19.34 2.15 -0.35
CA MET D 230 -19.36 0.87 -1.03
C MET D 230 -19.40 1.03 -2.55
N GLU D 231 -20.09 2.04 -3.03
CA GLU D 231 -20.24 2.22 -4.46
C GLU D 231 -18.94 2.71 -5.12
N LEU D 232 -17.90 3.05 -4.35
CA LEU D 232 -16.60 3.40 -4.94
C LEU D 232 -15.95 2.21 -5.64
N VAL D 233 -16.24 0.99 -5.17
CA VAL D 233 -15.59 -0.20 -5.64
C VAL D 233 -16.47 -1.28 -6.23
N GLN D 234 -17.80 -1.13 -6.09
CA GLN D 234 -18.70 -2.09 -6.73
C GLN D 234 -19.94 -1.44 -7.30
N PRO D 235 -20.58 -2.11 -8.27
CA PRO D 235 -21.85 -1.61 -8.84
C PRO D 235 -22.88 -1.25 -7.80
N SER D 236 -23.85 -0.42 -8.20
CA SER D 236 -24.99 -0.03 -7.35
C SER D 236 -25.48 -1.19 -6.46
N ILE D 237 -25.54 -0.94 -5.17
CA ILE D 237 -25.81 -1.98 -4.19
C ILE D 237 -27.31 -2.11 -3.92
N SER D 238 -27.74 -3.30 -3.54
CA SER D 238 -29.11 -3.53 -3.20
C SER D 238 -29.37 -3.06 -1.76
N GLY D 239 -30.65 -2.83 -1.46
CA GLY D 239 -31.08 -2.43 -0.12
C GLY D 239 -30.81 -3.49 0.95
N VAL D 240 -30.86 -4.75 0.57
CA VAL D 240 -30.51 -5.83 1.50
C VAL D 240 -29.00 -5.78 1.84
N ASP D 241 -28.18 -5.49 0.83
CA ASP D 241 -26.75 -5.38 1.01
C ASP D 241 -26.34 -4.11 1.74
N LEU D 242 -27.03 -3.01 1.49
CA LEU D 242 -26.83 -1.83 2.31
C LEU D 242 -27.02 -2.17 3.80
N ASP D 243 -28.10 -2.87 4.14
CA ASP D 243 -28.29 -3.31 5.53
C ASP D 243 -27.13 -4.14 6.04
N LYS D 244 -26.65 -5.06 5.22
CA LYS D 244 -25.50 -5.89 5.58
C LYS D 244 -24.21 -5.06 5.75
N PHE D 245 -23.88 -4.19 4.79
CA PHE D 245 -22.71 -3.35 4.89
C PHE D 245 -22.82 -2.35 6.02
N ARG D 246 -24.02 -1.92 6.36
CA ARG D 246 -24.17 -0.99 7.46
C ARG D 246 -23.75 -1.68 8.77
N GLU D 247 -24.11 -2.94 8.95
CA GLU D 247 -23.75 -3.58 10.20
C GLU D 247 -22.28 -3.97 10.22
N ILE D 248 -21.72 -4.24 9.06
CA ILE D 248 -20.30 -4.54 8.92
C ILE D 248 -19.47 -3.29 9.27
N LEU D 249 -19.89 -2.10 8.81
CA LEU D 249 -19.18 -0.88 9.16
C LEU D 249 -19.25 -0.64 10.64
N LEU D 250 -20.42 -0.80 11.26
CA LEU D 250 -20.53 -0.62 12.73
C LEU D 250 -19.68 -1.57 13.52
N ARG D 251 -19.64 -2.83 13.11
CA ARG D 251 -18.76 -3.79 13.75
C ARG D 251 -17.27 -3.45 13.59
N HIS D 252 -16.93 -2.70 12.55
CA HIS D 252 -15.57 -2.29 12.33
C HIS D 252 -15.17 -1.08 13.17
N CYS D 253 -15.99 -0.04 13.21
CA CYS D 253 -15.56 1.23 13.80
C CYS D 253 -16.42 1.77 14.95
N ASP D 254 -17.46 1.05 15.37
CA ASP D 254 -18.36 1.55 16.45
C ASP D 254 -17.77 1.22 17.81
N VAL D 255 -16.83 2.02 18.26
CA VAL D 255 -16.05 1.70 19.44
C VAL D 255 -16.89 1.63 20.72
N ASN D 256 -17.73 2.63 20.97
CA ASN D 256 -18.62 2.58 22.09
C ASN D 256 -19.95 1.81 21.88
N LYS D 257 -20.08 1.20 20.70
CA LYS D 257 -21.20 0.30 20.42
C LYS D 257 -22.60 0.92 20.69
N ASP D 258 -22.75 2.22 20.49
CA ASP D 258 -24.04 2.86 20.66
C ASP D 258 -24.83 2.88 19.36
N GLY D 259 -24.31 2.28 18.29
CA GLY D 259 -25.00 2.22 17.00
C GLY D 259 -24.96 3.48 16.11
N LYS D 260 -24.22 4.51 16.56
CA LYS D 260 -23.96 5.72 15.79
C LYS D 260 -22.44 5.88 15.58
N ILE D 261 -22.03 6.66 14.59
CA ILE D 261 -20.63 6.80 14.28
C ILE D 261 -20.18 8.20 14.62
N GLN D 262 -19.62 8.34 15.82
CA GLN D 262 -19.05 9.60 16.25
C GLN D 262 -17.89 10.00 15.33
N LYS D 263 -17.73 11.29 15.15
CA LYS D 263 -16.62 11.82 14.34
C LYS D 263 -15.29 11.15 14.66
N SER D 264 -15.02 11.02 15.94
CA SER D 264 -13.77 10.44 16.36
C SER D 264 -13.63 8.96 15.94
N GLU D 265 -14.74 8.23 15.85
CA GLU D 265 -14.66 6.84 15.43
C GLU D 265 -14.32 6.74 13.91
N LEU D 266 -14.94 7.57 13.09
CA LEU D 266 -14.66 7.56 11.67
C LEU D 266 -13.26 8.07 11.37
N ALA D 267 -12.85 9.10 12.09
CA ALA D 267 -11.47 9.63 11.98
C ALA D 267 -10.42 8.55 12.21
N LEU D 268 -10.56 7.80 13.27
CA LEU D 268 -9.60 6.75 13.54
C LEU D 268 -9.63 5.69 12.45
N CYS D 269 -10.81 5.37 11.94
CA CYS D 269 -10.88 4.30 10.99
C CYS D 269 -10.45 4.71 9.58
N LEU D 270 -10.45 6.01 9.30
CA LEU D 270 -9.92 6.51 8.05
C LEU D 270 -8.46 6.96 8.15
N GLY D 271 -7.84 6.62 9.28
CA GLY D 271 -6.44 6.94 9.55
C GLY D 271 -6.11 8.41 9.74
N LEU D 272 -7.01 9.17 10.34
CA LEU D 272 -6.75 10.57 10.54
C LEU D 272 -5.75 10.72 11.68
N LYS D 273 -4.68 11.47 11.41
CA LYS D 273 -3.53 11.52 12.28
C LYS D 273 -3.84 12.03 13.69
N ILE D 274 -4.62 13.08 13.80
CA ILE D 274 -4.97 13.60 15.09
C ILE D 274 -6.42 13.28 15.23
N ASN D 275 -6.74 12.52 16.24
CA ASN D 275 -8.09 12.14 16.48
C ASN D 275 -8.88 13.32 16.98
N PRO D 276 -9.97 13.70 16.25
CA PRO D 276 -10.74 14.86 16.72
C PRO D 276 -11.29 14.77 18.14
CA CA E . -8.75 5.26 25.56
CA CA F . 24.86 9.87 28.28
CA CA G . -3.61 -3.21 31.16
CA CA H . 15.74 11.86 35.43
CA CA I . -20.37 5.07 18.33
CA CA J . -37.63 -5.44 -9.15
CA CA K . -25.60 13.81 13.02
CA CA L . -40.75 -3.08 2.13
#